data_6CX5
#
_entry.id   6CX5
#
_cell.length_a   78.769
_cell.length_b   190.790
_cell.length_c   150.879
_cell.angle_alpha   90.000
_cell.angle_beta   90.000
_cell.angle_gamma   90.000
#
_symmetry.space_group_name_H-M   'C 2 2 21'
#
loop_
_entity.id
_entity.type
_entity.pdbx_description
1 polymer 'Antigen-presenting glycoprotein CD1d1'
2 polymer Beta-2-microglobulin
3 polymer 'Chimeric T cell antigen receptor alpha chain Va14,Va24,Ja18'
4 polymer 'Chimeric T cell antigen receptor beta chain Vb8.2, vb11'
5 branched 2-acetamido-2-deoxy-beta-D-glucopyranose-(1-4)-2-acetamido-2-deoxy-beta-D-glucopyranose
6 branched 2-acetamido-2-deoxy-beta-D-glucopyranose-(1-4)-[alpha-L-fucopyranose-(1-6)]2-acetamido-2-deoxy-beta-D-glucopyranose
7 non-polymer 2-acetamido-2-deoxy-beta-D-glucopyranose
8 non-polymer 'PALMITIC ACID'
9 non-polymer '(5R,6S,7S)-5,6-dihydroxy-7-(octanoylamino)-N-(8-phenyloctyl)-8-{[(2S,3R,4S,5R,6R)-3,4,5-trihydroxy-6-(hydroxymethyl)tetrahydro-2H-pyran-2-yl]oxy}octanamide (non-preferred name)'
10 non-polymer 'SODIUM ION'
11 water water
#
loop_
_entity_poly.entity_id
_entity_poly.type
_entity_poly.pdbx_seq_one_letter_code
_entity_poly.pdbx_strand_id
1 'polypeptide(L)'
;SEAQQKNYTFRCLQMSSFANRSWSRTDSVVWLGDLQTHRWSNDSATISFTKPWSQGKLSNQQWEKLQHMFQVYRVSFTRD
IQELVKMMSPKEDYPIEIQLSAGCEMYPGNASESFLHVAFQGKYVVRFWGTSWQTVPGAPSWLDLPIKVLNADQGTSATV
QMLLNDTCPLFVRGLLEAGKSDLEKQEKPVAWLSSVPSSAHGHRQLVCHVSGFYPKPVWVMWMRGDQEQQGTHRGDFLPN
ADETWYLQATLDVEAGEEAGLACRVKHSSLGGQDIILYWHHHHHH
;
A
2 'polypeptide(L)'
;IQKTPQIQVYSRHPPENGKPNILNCYVTQFHPPHIEIQMLKNGKKIPKVEMSDMSFSKDWSFYILAHTEFTPTETDTYAC
RVKHASMAEPKTVYWDRDM
;
B
3 'polypeptide(L)'
;MKTQVEQSPQSLVVRQGENCVLQCNYSVTPDNHLRWFKQDTGKGLVSLTVLVDQKDKTSNGRYSATLDKDAKHSTLHITA
TLLDDTATYICVVGDRGSALGRLHFGAGTQLIVIPDIQNPDPAVYQLRDSKSSDKSVCLFTDFDSQTNVSQSKDSDVYIT
DKCVLDMRSMDFKSNSAVAWSNKSDFACANAFNNSIIPEDTFFPSPESS
;
C
4 'polypeptide(L)'
;MEAAVTQSPRNKVAVTGGKVTLSCNQTNNHNNMYWYRQDTGHGLRLIHYSYGAGSTEKGDIPDGYKASRPSQENFSLILE
LATPSQTSVYFCASGDEGYTQYFGPGTRLLVLEDLRNVTPPKVSLFEPSKAEISHTQKATLVCLATGFYPDHVELSWWVN
GKEVHSGVCTDPQPLKEQPALNDSRYSLSSRLRVSATFWQNPRNHFRCQVQFYGLSENDEWTQDRAKPVTQIVSAEAWGR
A
;
D
#
# COMPACT_ATOMS: atom_id res chain seq x y z
N ASN A 7 8.01 -31.51 28.41
CA ASN A 7 7.92 -31.68 26.93
C ASN A 7 6.67 -30.97 26.32
N TYR A 8 6.67 -29.62 26.37
CA TYR A 8 5.47 -28.81 26.10
C TYR A 8 5.48 -28.16 24.72
N THR A 9 4.30 -28.12 24.09
CA THR A 9 4.12 -27.46 22.82
C THR A 9 3.34 -26.16 23.02
N PHE A 10 3.84 -25.11 22.38
CA PHE A 10 3.30 -23.77 22.47
C PHE A 10 2.66 -23.48 21.12
N ARG A 11 1.34 -23.29 21.12
CA ARG A 11 0.56 -23.03 19.91
C ARG A 11 -0.13 -21.65 19.94
N CYS A 12 0.09 -20.87 18.90
CA CYS A 12 -0.65 -19.65 18.67
C CYS A 12 -1.61 -19.97 17.56
N LEU A 13 -2.89 -19.98 17.85
CA LEU A 13 -3.88 -20.42 16.87
C LEU A 13 -4.70 -19.24 16.44
N GLN A 14 -4.59 -18.89 15.15
CA GLN A 14 -5.27 -17.75 14.58
C GLN A 14 -6.24 -18.19 13.51
N MET A 15 -7.42 -17.56 13.50
CA MET A 15 -8.47 -17.89 12.56
C MET A 15 -9.10 -16.62 12.05
N SER A 16 -9.32 -16.56 10.76
CA SER A 16 -9.82 -15.38 10.14
C SER A 16 -10.89 -15.74 9.16
N SER A 17 -12.04 -15.06 9.25
CA SER A 17 -13.15 -15.20 8.31
C SER A 17 -13.30 -13.90 7.53
N PHE A 18 -13.23 -14.00 6.21
CA PHE A 18 -13.48 -12.88 5.32
C PHE A 18 -14.78 -13.20 4.58
N ALA A 19 -15.88 -12.51 4.92
CA ALA A 19 -17.21 -12.81 4.38
C ALA A 19 -17.38 -12.24 2.98
N ASN A 20 -16.89 -11.03 2.80
CA ASN A 20 -16.92 -10.33 1.52
C ASN A 20 -15.81 -9.26 1.56
N ARG A 21 -15.71 -8.44 0.50
CA ARG A 21 -14.66 -7.42 0.37
C ARG A 21 -14.49 -6.43 1.53
N SER A 22 -15.55 -6.17 2.27
CA SER A 22 -15.51 -5.17 3.35
C SER A 22 -15.66 -5.71 4.79
N TRP A 23 -16.09 -6.96 4.98
CA TRP A 23 -16.28 -7.55 6.33
C TRP A 23 -15.30 -8.66 6.58
N SER A 24 -14.59 -8.57 7.69
CA SER A 24 -13.73 -9.66 8.11
C SER A 24 -13.48 -9.61 9.61
N ARG A 25 -13.03 -10.71 10.18
CA ARG A 25 -12.54 -10.73 11.54
C ARG A 25 -11.38 -11.70 11.73
N THR A 26 -10.52 -11.38 12.68
CA THR A 26 -9.40 -12.21 13.03
C THR A 26 -9.40 -12.38 14.55
N ASP A 27 -9.34 -13.64 15.00
CA ASP A 27 -9.32 -13.97 16.42
C ASP A 27 -8.22 -14.96 16.67
N SER A 28 -7.56 -14.87 17.83
CA SER A 28 -6.57 -15.88 18.21
C SER A 28 -6.58 -16.26 19.67
N VAL A 29 -6.03 -17.43 19.93
CA VAL A 29 -5.87 -17.95 21.29
C VAL A 29 -4.52 -18.64 21.33
N VAL A 30 -3.90 -18.66 22.50
CA VAL A 30 -2.58 -19.24 22.63
C VAL A 30 -2.61 -20.29 23.71
N TRP A 31 -1.99 -21.45 23.42
CA TRP A 31 -1.93 -22.60 24.31
C TRP A 31 -0.49 -22.99 24.65
N LEU A 32 -0.26 -23.37 25.90
CA LEU A 32 0.98 -23.99 26.34
C LEU A 32 0.57 -25.32 26.90
N GLY A 33 0.87 -26.40 26.18
CA GLY A 33 0.28 -27.70 26.46
C GLY A 33 -1.20 -27.57 26.21
N ASP A 34 -2.00 -27.92 27.21
CA ASP A 34 -3.45 -27.74 27.16
C ASP A 34 -3.96 -26.58 28.07
N LEU A 35 -3.09 -25.71 28.57
CA LEU A 35 -3.50 -24.47 29.27
C LEU A 35 -3.50 -23.21 28.38
N GLN A 36 -4.58 -22.42 28.42
CA GLN A 36 -4.68 -21.22 27.61
C GLN A 36 -3.91 -20.09 28.26
N THR A 37 -2.95 -19.53 27.52
CA THR A 37 -2.13 -18.43 28.01
C THR A 37 -2.57 -17.04 27.53
N HIS A 38 -3.12 -16.94 26.31
CA HIS A 38 -3.54 -15.64 25.76
C HIS A 38 -4.84 -15.71 24.96
N ARG A 39 -5.48 -14.58 24.75
CA ARG A 39 -6.54 -14.47 23.75
C ARG A 39 -6.42 -13.12 23.08
N TRP A 40 -6.79 -13.06 21.82
CA TRP A 40 -6.88 -11.78 21.13
C TRP A 40 -8.10 -11.78 20.24
N SER A 41 -9.20 -11.30 20.82
CA SER A 41 -10.44 -11.09 20.12
C SER A 41 -10.29 -10.01 19.06
N ASN A 42 -11.01 -10.14 17.94
CA ASN A 42 -11.11 -9.04 16.97
C ASN A 42 -11.54 -7.70 17.58
N ASP A 43 -12.34 -7.72 18.65
CA ASP A 43 -12.83 -6.49 19.32
C ASP A 43 -11.78 -5.73 20.12
N SER A 44 -10.67 -6.36 20.53
CA SER A 44 -9.63 -5.70 21.33
C SER A 44 -8.52 -5.15 20.47
N ALA A 45 -8.03 -3.99 20.87
CA ALA A 45 -6.83 -3.41 20.35
C ALA A 45 -5.61 -4.19 20.84
N THR A 46 -5.76 -4.84 21.99
CA THR A 46 -4.65 -5.46 22.70
C THR A 46 -4.85 -6.96 22.94
N ILE A 47 -3.73 -7.68 23.01
CA ILE A 47 -3.70 -9.12 23.36
C ILE A 47 -3.93 -9.22 24.85
N SER A 48 -4.78 -10.15 25.26
CA SER A 48 -5.16 -10.33 26.67
C SER A 48 -4.46 -11.54 27.28
N PHE A 49 -3.89 -11.36 28.48
CA PHE A 49 -3.36 -12.46 29.27
C PHE A 49 -4.51 -13.20 29.93
N THR A 50 -4.53 -14.53 29.82
CA THR A 50 -5.51 -15.35 30.53
C THR A 50 -4.91 -16.10 31.74
N LYS A 51 -3.63 -15.85 32.04
CA LYS A 51 -3.00 -16.31 33.27
C LYS A 51 -2.19 -15.18 33.86
N PRO A 52 -1.92 -15.21 35.17
CA PRO A 52 -1.03 -14.18 35.73
C PRO A 52 0.41 -14.19 35.15
N TRP A 53 0.87 -15.35 34.69
CA TRP A 53 2.25 -15.56 34.23
C TRP A 53 2.42 -15.47 32.69
N SER A 54 1.37 -15.07 31.99
CA SER A 54 1.35 -15.00 30.51
C SER A 54 2.38 -14.05 29.87
N GLN A 55 2.88 -13.08 30.62
CA GLN A 55 3.99 -12.26 30.10
C GLN A 55 5.33 -13.03 30.13
N GLY A 56 5.38 -14.18 30.80
CA GLY A 56 6.60 -14.99 30.90
C GLY A 56 7.67 -14.24 31.67
N LYS A 57 8.89 -14.19 31.13
CA LYS A 57 10.00 -13.41 31.69
C LYS A 57 10.27 -12.15 30.86
N LEU A 58 9.36 -11.79 29.95
CA LEU A 58 9.54 -10.57 29.17
C LEU A 58 9.31 -9.36 30.07
N SER A 59 10.19 -8.37 29.96
CA SER A 59 9.96 -7.08 30.62
C SER A 59 8.74 -6.41 29.98
N ASN A 60 8.16 -5.46 30.69
CA ASN A 60 7.02 -4.71 30.15
C ASN A 60 7.34 -4.01 28.81
N GLN A 61 8.59 -3.60 28.62
CA GLN A 61 9.01 -2.95 27.40
C GLN A 61 9.16 -3.95 26.22
N GLN A 62 9.72 -5.13 26.50
CA GLN A 62 9.78 -6.21 25.53
C GLN A 62 8.38 -6.68 25.10
N TRP A 63 7.46 -6.80 26.06
CA TRP A 63 6.07 -7.14 25.76
C TRP A 63 5.37 -6.09 24.86
N GLU A 64 5.45 -4.81 25.23
CA GLU A 64 4.83 -3.73 24.42
C GLU A 64 5.34 -3.70 22.97
N LYS A 65 6.64 -3.94 22.80
CA LYS A 65 7.26 -4.01 21.48
C LYS A 65 6.69 -5.15 20.65
N LEU A 66 6.51 -6.29 21.30
CA LEU A 66 6.01 -7.50 20.68
C LEU A 66 4.54 -7.36 20.30
N GLN A 67 3.75 -6.89 21.26
CA GLN A 67 2.34 -6.60 21.01
C GLN A 67 2.15 -5.61 19.88
N HIS A 68 3.01 -4.58 19.82
CA HIS A 68 2.90 -3.56 18.78
C HIS A 68 3.14 -4.16 17.39
N MET A 69 4.07 -5.10 17.28
CA MET A 69 4.32 -5.78 16.03
C MET A 69 3.09 -6.61 15.63
N PHE A 70 2.48 -7.28 16.58
CA PHE A 70 1.24 -8.00 16.32
C PHE A 70 0.11 -7.09 15.93
N GLN A 71 0.02 -5.92 16.57
CA GLN A 71 -0.98 -4.93 16.20
C GLN A 71 -0.85 -4.52 14.75
N VAL A 72 0.38 -4.29 14.29
CA VAL A 72 0.61 -3.90 12.90
C VAL A 72 0.33 -5.10 11.99
N TYR A 73 0.72 -6.30 12.43
CA TYR A 73 0.45 -7.55 11.71
C TYR A 73 -1.02 -7.79 11.40
N ARG A 74 -1.87 -7.70 12.41
CA ARG A 74 -3.30 -7.95 12.21
C ARG A 74 -3.94 -7.05 11.12
N VAL A 75 -3.72 -5.75 11.23
CA VAL A 75 -4.21 -4.77 10.23
C VAL A 75 -3.61 -5.06 8.85
N SER A 76 -2.31 -5.34 8.80
CA SER A 76 -1.60 -5.59 7.54
C SER A 76 -2.03 -6.90 6.91
N PHE A 77 -2.05 -7.97 7.69
CA PHE A 77 -2.56 -9.28 7.26
C PHE A 77 -3.94 -9.17 6.62
N THR A 78 -4.86 -8.49 7.31
CA THR A 78 -6.22 -8.30 6.84
C THR A 78 -6.26 -7.66 5.45
N ARG A 79 -5.48 -6.62 5.24
CA ARG A 79 -5.44 -5.94 3.94
C ARG A 79 -4.77 -6.80 2.86
N ASP A 80 -3.72 -7.53 3.24
CA ASP A 80 -3.05 -8.43 2.31
C ASP A 80 -3.97 -9.50 1.74
N ILE A 81 -4.75 -10.14 2.61
CA ILE A 81 -5.66 -11.17 2.16
C ILE A 81 -6.67 -10.56 1.18
N GLN A 82 -7.32 -9.46 1.58
CA GLN A 82 -8.26 -8.76 0.69
C GLN A 82 -7.64 -8.51 -0.66
N GLU A 83 -6.39 -8.08 -0.62
CA GLU A 83 -5.65 -7.71 -1.81
C GLU A 83 -5.25 -8.92 -2.65
N LEU A 84 -4.85 -10.02 -2.03
CA LEU A 84 -4.58 -11.28 -2.75
C LEU A 84 -5.85 -11.84 -3.42
N VAL A 85 -7.00 -11.68 -2.78
CA VAL A 85 -8.27 -12.09 -3.37
C VAL A 85 -8.50 -11.35 -4.69
N LYS A 86 -8.24 -10.04 -4.71
CA LYS A 86 -8.35 -9.28 -5.95
C LYS A 86 -7.39 -9.76 -7.02
N MET A 87 -6.16 -10.02 -6.62
CA MET A 87 -5.10 -10.54 -7.53
C MET A 87 -5.48 -11.87 -8.20
N MET A 88 -6.15 -12.76 -7.46
CA MET A 88 -6.53 -14.08 -7.97
C MET A 88 -7.90 -14.14 -8.63
N SER A 89 -8.74 -13.12 -8.47
CA SER A 89 -10.07 -13.10 -9.10
C SER A 89 -10.04 -13.45 -10.60
N PRO A 90 -11.02 -14.27 -11.07
CA PRO A 90 -12.10 -14.93 -10.30
C PRO A 90 -11.82 -16.36 -9.79
N LYS A 91 -10.54 -16.79 -9.78
CA LYS A 91 -10.12 -18.13 -9.32
C LYS A 91 -10.68 -18.48 -7.94
N GLU A 92 -10.43 -17.64 -6.94
CA GLU A 92 -11.01 -17.81 -5.61
C GLU A 92 -11.77 -16.56 -5.24
N ASP A 93 -12.76 -16.73 -4.38
CA ASP A 93 -13.65 -15.65 -3.98
C ASP A 93 -14.18 -15.90 -2.57
N TYR A 94 -14.85 -14.89 -2.02
CA TYR A 94 -15.42 -14.98 -0.69
C TYR A 94 -16.58 -15.98 -0.68
N PRO A 95 -16.88 -16.60 0.49
CA PRO A 95 -16.19 -16.48 1.78
C PRO A 95 -14.83 -17.18 1.84
N ILE A 96 -13.92 -16.63 2.64
CA ILE A 96 -12.60 -17.18 2.80
C ILE A 96 -12.34 -17.38 4.28
N GLU A 97 -11.81 -18.54 4.60
CA GLU A 97 -11.31 -18.84 5.93
C GLU A 97 -9.79 -19.06 5.86
N ILE A 98 -9.06 -18.39 6.73
CA ILE A 98 -7.63 -18.59 6.84
C ILE A 98 -7.31 -18.95 8.29
N GLN A 99 -6.54 -20.01 8.47
CA GLN A 99 -6.06 -20.41 9.78
C GLN A 99 -4.54 -20.45 9.82
N LEU A 100 -3.95 -19.92 10.89
CA LEU A 100 -2.52 -20.05 11.15
C LEU A 100 -2.36 -20.84 12.41
N SER A 101 -1.39 -21.74 12.43
CA SER A 101 -0.98 -22.45 13.62
C SER A 101 0.52 -22.32 13.70
N ALA A 102 1.00 -21.69 14.76
CA ALA A 102 2.37 -21.22 14.84
C ALA A 102 2.91 -21.43 16.25
N GLY A 103 4.21 -21.64 16.36
CA GLY A 103 4.86 -21.70 17.64
C GLY A 103 6.05 -22.63 17.64
N CYS A 104 6.35 -23.18 18.81
CA CYS A 104 7.55 -24.00 19.00
C CYS A 104 7.27 -25.13 19.98
N GLU A 105 7.90 -26.28 19.72
CA GLU A 105 7.80 -27.45 20.59
C GLU A 105 9.11 -27.57 21.37
N MET A 106 9.02 -27.60 22.70
CA MET A 106 10.22 -27.57 23.58
C MET A 106 10.66 -28.97 24.00
N TYR A 107 11.96 -29.24 23.84
CA TYR A 107 12.64 -30.45 24.34
C TYR A 107 13.74 -30.00 25.33
N PRO A 108 14.36 -30.95 26.07
CA PRO A 108 15.44 -30.51 27.01
C PRO A 108 16.77 -30.15 26.32
N GLY A 109 17.44 -29.11 26.81
CA GLY A 109 18.76 -28.69 26.33
C GLY A 109 18.71 -27.65 25.23
N SER A 112 14.60 -27.16 20.77
CA SER A 112 13.28 -26.88 20.23
C SER A 112 13.18 -26.82 18.69
N GLU A 113 11.99 -27.13 18.17
CA GLU A 113 11.62 -26.95 16.74
C GLU A 113 10.45 -25.96 16.64
N SER A 114 10.55 -25.00 15.73
CA SER A 114 9.48 -24.04 15.48
C SER A 114 8.67 -24.43 14.25
N PHE A 115 7.45 -23.90 14.15
CA PHE A 115 6.58 -24.17 13.01
C PHE A 115 5.63 -23.01 12.76
N LEU A 116 5.18 -22.90 11.52
CA LEU A 116 4.14 -21.94 11.14
C LEU A 116 3.43 -22.55 9.94
N HIS A 117 2.21 -23.04 10.17
CA HIS A 117 1.43 -23.77 9.20
C HIS A 117 0.17 -22.98 8.87
N VAL A 118 -0.19 -22.91 7.58
CA VAL A 118 -1.34 -22.12 7.14
C VAL A 118 -2.39 -22.99 6.43
N ALA A 119 -3.66 -22.82 6.80
CA ALA A 119 -4.75 -23.49 6.12
C ALA A 119 -5.69 -22.52 5.43
N PHE A 120 -6.19 -22.94 4.28
CA PHE A 120 -7.09 -22.17 3.41
C PHE A 120 -8.34 -23.00 3.15
N GLN A 121 -9.50 -22.47 3.55
CA GLN A 121 -10.75 -23.21 3.54
C GLN A 121 -10.62 -24.56 4.26
N GLY A 122 -9.89 -24.57 5.38
CA GLY A 122 -9.72 -25.76 6.21
C GLY A 122 -8.70 -26.78 5.75
N LYS A 123 -7.90 -26.47 4.72
CA LYS A 123 -6.86 -27.40 4.27
C LYS A 123 -5.51 -26.75 4.45
N TYR A 124 -4.58 -27.54 4.98
CA TYR A 124 -3.19 -27.12 5.16
C TYR A 124 -2.54 -27.00 3.78
N VAL A 125 -2.07 -25.80 3.43
CA VAL A 125 -1.52 -25.50 2.10
C VAL A 125 -0.16 -24.81 2.08
N VAL A 126 0.18 -24.05 3.13
CA VAL A 126 1.38 -23.21 3.15
C VAL A 126 2.09 -23.34 4.51
N ARG A 127 3.42 -23.33 4.49
CA ARG A 127 4.18 -23.19 5.72
C ARG A 127 5.31 -22.22 5.53
N PHE A 128 5.84 -21.71 6.63
CA PHE A 128 7.12 -21.02 6.60
C PHE A 128 8.19 -22.06 6.89
N TRP A 129 9.25 -22.02 6.10
CA TRP A 129 10.33 -23.00 6.20
C TRP A 129 11.66 -22.40 5.78
N GLY A 130 12.61 -22.38 6.69
CA GLY A 130 13.93 -21.83 6.41
C GLY A 130 13.89 -20.32 6.35
N THR A 131 13.80 -19.79 5.15
CA THR A 131 13.81 -18.33 4.92
C THR A 131 12.66 -17.88 4.06
N SER A 132 11.66 -18.74 3.83
CA SER A 132 10.63 -18.41 2.88
C SER A 132 9.34 -19.16 3.14
N TRP A 133 8.27 -18.64 2.54
CA TRP A 133 6.99 -19.32 2.46
C TRP A 133 7.07 -20.35 1.34
N GLN A 134 6.45 -21.50 1.54
CA GLN A 134 6.31 -22.50 0.48
C GLN A 134 4.99 -23.22 0.61
N THR A 135 4.48 -23.68 -0.52
CA THR A 135 3.33 -24.57 -0.53
C THR A 135 3.80 -25.96 -0.09
N VAL A 136 2.86 -26.75 0.40
CA VAL A 136 3.12 -28.13 0.84
C VAL A 136 2.42 -29.11 -0.11
N PRO A 137 2.74 -30.42 -0.02
CA PRO A 137 2.16 -31.39 -0.97
C PRO A 137 0.65 -31.40 -0.92
N GLY A 138 0.04 -31.33 -2.11
CA GLY A 138 -1.42 -31.29 -2.24
C GLY A 138 -2.01 -29.92 -2.52
N ALA A 139 -1.18 -28.88 -2.43
CA ALA A 139 -1.67 -27.51 -2.57
C ALA A 139 -1.94 -27.22 -4.02
N PRO A 140 -3.02 -26.48 -4.32
CA PRO A 140 -3.25 -26.10 -5.71
C PRO A 140 -2.17 -25.17 -6.22
N SER A 141 -1.85 -25.27 -7.50
CA SER A 141 -0.72 -24.54 -8.05
C SER A 141 -0.95 -23.03 -8.20
N TRP A 142 -2.20 -22.57 -8.18
CA TRP A 142 -2.48 -21.13 -8.26
C TRP A 142 -1.85 -20.34 -7.10
N LEU A 143 -1.69 -21.01 -5.95
CA LEU A 143 -1.01 -20.46 -4.77
C LEU A 143 0.45 -20.06 -4.98
N ASP A 144 1.09 -20.54 -6.04
CA ASP A 144 2.43 -20.04 -6.40
C ASP A 144 2.52 -18.51 -6.59
N LEU A 145 1.47 -17.85 -7.07
CA LEU A 145 1.54 -16.40 -7.28
C LEU A 145 1.51 -15.66 -5.94
N PRO A 146 0.50 -15.94 -5.07
CA PRO A 146 0.55 -15.43 -3.69
C PRO A 146 1.87 -15.64 -2.97
N ILE A 147 2.42 -16.85 -3.05
CA ILE A 147 3.67 -17.20 -2.39
C ILE A 147 4.86 -16.41 -2.93
N LYS A 148 4.91 -16.23 -4.24
CA LYS A 148 5.95 -15.43 -4.87
C LYS A 148 5.85 -13.97 -4.40
N VAL A 149 4.62 -13.47 -4.22
CA VAL A 149 4.39 -12.13 -3.72
C VAL A 149 4.78 -11.97 -2.26
N LEU A 150 4.43 -12.95 -1.44
CA LEU A 150 4.84 -12.94 -0.04
C LEU A 150 6.36 -13.06 0.10
N ASN A 151 6.97 -13.90 -0.72
CA ASN A 151 8.41 -14.11 -0.65
C ASN A 151 9.20 -12.92 -1.17
N ALA A 152 8.55 -12.03 -1.91
CA ALA A 152 9.17 -10.79 -2.33
C ALA A 152 9.36 -9.83 -1.15
CA ASP A 153 8.69 -9.17 1.14
C ASP A 153 9.81 -9.58 2.11
N GLN A 154 11.00 -9.02 1.88
CA GLN A 154 12.22 -9.37 2.61
C GLN A 154 12.11 -9.01 4.08
N GLY A 155 11.54 -7.85 4.39
CA GLY A 155 11.35 -7.43 5.77
C GLY A 155 10.44 -8.35 6.59
N THR A 156 9.39 -8.88 5.98
CA THR A 156 8.54 -9.84 6.66
C THR A 156 9.28 -11.16 6.90
N SER A 157 10.07 -11.59 5.92
CA SER A 157 10.82 -12.82 6.04
C SER A 157 11.81 -12.80 7.20
N ALA A 158 12.56 -11.71 7.33
CA ALA A 158 13.53 -11.54 8.44
C ALA A 158 12.83 -11.56 9.78
N THR A 159 11.73 -10.81 9.88
CA THR A 159 10.95 -10.79 11.12
C THR A 159 10.40 -12.18 11.49
N VAL A 160 9.85 -12.90 10.51
CA VAL A 160 9.31 -14.23 10.78
C VAL A 160 10.43 -15.19 11.26
N GLN A 161 11.56 -15.20 10.53
CA GLN A 161 12.73 -16.01 10.93
C GLN A 161 13.13 -15.76 12.37
N MET A 162 13.27 -14.49 12.75
CA MET A 162 13.55 -14.10 14.12
C MET A 162 12.49 -14.59 15.11
N LEU A 163 11.21 -14.43 14.79
CA LEU A 163 10.12 -14.96 15.64
C LEU A 163 10.21 -16.45 15.86
N LEU A 164 10.32 -17.19 14.77
CA LEU A 164 10.41 -18.64 14.82
C LEU A 164 11.72 -19.13 15.49
N ASN A 165 12.86 -18.59 15.08
CA ASN A 165 14.15 -19.14 15.54
C ASN A 165 14.54 -18.73 16.95
N ASP A 166 14.20 -17.51 17.35
CA ASP A 166 14.72 -16.90 18.55
C ASP A 166 13.64 -16.49 19.53
N THR A 167 12.70 -15.65 19.10
CA THR A 167 11.69 -15.12 20.01
C THR A 167 10.85 -16.23 20.64
N CYS A 168 10.38 -17.17 19.82
CA CYS A 168 9.50 -18.22 20.33
C CYS A 168 10.18 -19.05 21.41
N PRO A 169 11.30 -19.71 21.10
CA PRO A 169 11.83 -20.56 22.19
C PRO A 169 12.25 -19.78 23.45
N LEU A 170 12.88 -18.62 23.30
CA LEU A 170 13.27 -17.80 24.46
C LEU A 170 12.06 -17.45 25.33
N PHE A 171 10.97 -17.05 24.69
CA PHE A 171 9.74 -16.69 25.37
C PHE A 171 9.12 -17.86 26.10
N VAL A 172 9.05 -19.00 25.44
CA VAL A 172 8.44 -20.20 26.02
C VAL A 172 9.28 -20.72 27.20
N ARG A 173 10.61 -20.59 27.14
CA ARG A 173 11.47 -20.94 28.28
C ARG A 173 11.05 -20.17 29.53
N GLY A 174 10.82 -18.87 29.37
CA GLY A 174 10.32 -18.03 30.46
C GLY A 174 8.93 -18.38 30.93
N LEU A 175 8.01 -18.64 29.98
CA LEU A 175 6.65 -19.08 30.33
C LEU A 175 6.64 -20.32 31.21
N LEU A 176 7.41 -21.33 30.81
CA LEU A 176 7.48 -22.60 31.58
C LEU A 176 7.96 -22.37 33.02
N GLU A 177 8.92 -21.47 33.19
CA GLU A 177 9.45 -21.14 34.50
C GLU A 177 8.41 -20.36 35.33
N ALA A 178 7.77 -19.36 34.72
CA ALA A 178 6.76 -18.56 35.42
C ALA A 178 5.45 -19.30 35.69
N GLY A 179 5.11 -20.26 34.84
CA GLY A 179 3.87 -21.04 34.97
C GLY A 179 4.04 -22.42 35.58
N LYS A 180 5.22 -22.69 36.15
CA LYS A 180 5.58 -23.99 36.76
C LYS A 180 4.46 -24.59 37.60
N SER A 181 4.00 -23.84 38.59
CA SER A 181 3.05 -24.36 39.56
C SER A 181 1.66 -24.63 38.98
N ASP A 182 1.23 -23.84 38.00
CA ASP A 182 -0.02 -24.15 37.28
C ASP A 182 0.14 -25.38 36.37
N LEU A 183 1.25 -25.45 35.64
CA LEU A 183 1.48 -26.55 34.69
C LEU A 183 1.63 -27.89 35.38
N GLU A 184 2.15 -27.86 36.62
CA GLU A 184 2.35 -29.09 37.40
C GLU A 184 1.25 -29.34 38.44
N LYS A 185 0.11 -28.62 38.36
CA LYS A 185 -0.97 -28.80 39.33
C LYS A 185 -1.57 -30.21 39.26
N GLN A 186 -2.01 -30.71 40.42
CA GLN A 186 -2.71 -32.00 40.49
C GLN A 186 -4.13 -31.79 41.04
N GLU A 187 -5.15 -32.13 40.22
CA GLU A 187 -6.57 -32.04 40.59
C GLU A 187 -7.22 -33.42 40.51
N LYS A 188 -7.99 -33.77 41.54
CA LYS A 188 -8.48 -35.14 41.67
C LYS A 188 -9.71 -35.41 40.81
N PRO A 189 -9.75 -36.58 40.14
CA PRO A 189 -10.98 -37.00 39.48
C PRO A 189 -12.01 -37.40 40.52
N VAL A 190 -13.27 -37.05 40.27
CA VAL A 190 -14.39 -37.60 41.02
C VAL A 190 -15.19 -38.39 40.01
N ALA A 191 -15.68 -39.56 40.41
CA ALA A 191 -16.40 -40.45 39.50
C ALA A 191 -17.80 -40.72 39.99
N TRP A 192 -18.63 -41.25 39.08
CA TRP A 192 -19.98 -41.69 39.42
C TRP A 192 -20.51 -42.63 38.34
N LEU A 193 -21.57 -43.36 38.66
CA LEU A 193 -22.08 -44.42 37.78
C LEU A 193 -23.53 -44.19 37.34
N SER A 194 -23.92 -44.87 36.27
CA SER A 194 -25.28 -44.79 35.70
C SER A 194 -25.45 -45.83 34.58
N SER A 195 -26.65 -45.96 34.03
CA SER A 195 -26.92 -46.92 32.95
C SER A 195 -28.06 -46.46 32.04
N VAL A 196 -28.29 -47.20 30.94
CA VAL A 196 -29.40 -46.91 30.01
C VAL A 196 -30.09 -48.21 29.53
N ARG A 204 -27.99 -53.77 28.18
CA ARG A 204 -27.68 -52.56 28.94
C ARG A 204 -26.30 -51.99 28.61
N GLN A 205 -26.15 -50.67 28.77
CA GLN A 205 -24.86 -49.98 28.67
C GLN A 205 -24.57 -49.23 29.98
N LEU A 206 -23.56 -49.68 30.70
CA LEU A 206 -23.11 -49.04 31.94
C LEU A 206 -22.09 -47.93 31.64
N VAL A 207 -22.19 -46.82 32.39
CA VAL A 207 -21.36 -45.64 32.15
C VAL A 207 -20.63 -45.29 33.44
N CYS A 208 -19.30 -45.23 33.36
CA CYS A 208 -18.47 -44.69 34.41
C CYS A 208 -18.04 -43.29 34.00
N HIS A 209 -18.50 -42.28 34.74
CA HIS A 209 -18.14 -40.88 34.47
C HIS A 209 -16.95 -40.56 35.36
N VAL A 210 -15.99 -39.79 34.82
CA VAL A 210 -14.82 -39.34 35.58
C VAL A 210 -14.58 -37.87 35.22
N SER A 211 -14.54 -37.00 36.24
CA SER A 211 -14.48 -35.56 36.01
C SER A 211 -13.67 -34.84 37.06
N GLY A 212 -13.01 -33.75 36.64
CA GLY A 212 -12.24 -32.86 37.52
C GLY A 212 -10.73 -33.05 37.53
N PHE A 213 -10.23 -33.99 36.73
CA PHE A 213 -8.82 -34.40 36.80
C PHE A 213 -7.91 -33.57 35.91
N TYR A 214 -6.72 -33.30 36.44
CA TYR A 214 -5.62 -32.65 35.74
C TYR A 214 -4.27 -33.12 36.34
N PRO A 215 -3.29 -33.51 35.51
CA PRO A 215 -3.24 -33.43 34.03
C PRO A 215 -4.07 -34.49 33.28
N LYS A 216 -3.99 -34.46 31.96
CA LYS A 216 -4.83 -35.27 31.09
C LYS A 216 -4.61 -36.81 31.13
N PRO A 217 -3.37 -37.28 31.44
CA PRO A 217 -3.16 -38.74 31.55
C PRO A 217 -3.98 -39.39 32.67
N VAL A 218 -4.74 -40.43 32.30
CA VAL A 218 -5.69 -41.13 33.20
C VAL A 218 -5.98 -42.53 32.65
N TRP A 219 -6.36 -43.44 33.56
CA TRP A 219 -6.67 -44.83 33.24
C TRP A 219 -8.00 -45.19 33.89
N VAL A 220 -8.94 -45.66 33.08
CA VAL A 220 -10.27 -46.05 33.53
C VAL A 220 -10.68 -47.41 32.93
N MET A 221 -10.93 -48.39 33.78
CA MET A 221 -11.39 -49.72 33.34
C MET A 221 -12.55 -50.20 34.21
N TRP A 222 -13.44 -50.95 33.56
CA TRP A 222 -14.43 -51.76 34.28
C TRP A 222 -13.74 -53.03 34.77
N MET A 223 -14.23 -53.57 35.88
CA MET A 223 -13.59 -54.67 36.58
C MET A 223 -14.62 -55.71 37.03
N ARG A 224 -14.20 -56.97 37.16
CA ARG A 224 -14.85 -57.94 38.03
C ARG A 224 -13.81 -58.40 39.04
N GLY A 225 -13.83 -57.76 40.21
CA GLY A 225 -12.82 -58.00 41.24
C GLY A 225 -11.46 -57.45 40.83
N ASP A 226 -10.63 -58.33 40.25
CA ASP A 226 -9.28 -58.00 39.75
C ASP A 226 -9.09 -58.28 38.25
N GLN A 227 -10.18 -58.59 37.54
CA GLN A 227 -10.11 -58.96 36.12
C GLN A 227 -10.60 -57.82 35.21
N GLU A 228 -9.71 -57.31 34.36
CA GLU A 228 -10.01 -56.12 33.56
C GLU A 228 -10.98 -56.43 32.42
N GLN A 229 -12.12 -55.76 32.42
CA GLN A 229 -13.13 -55.97 31.38
C GLN A 229 -12.68 -55.28 30.09
N GLN A 230 -12.17 -56.07 29.16
CA GLN A 230 -11.65 -55.57 27.89
C GLN A 230 -12.72 -54.98 26.97
N GLY A 231 -13.99 -55.25 27.24
CA GLY A 231 -15.11 -54.57 26.57
C GLY A 231 -15.21 -53.07 26.83
N THR A 232 -14.62 -52.59 27.93
CA THR A 232 -14.53 -51.16 28.26
C THR A 232 -14.20 -50.30 27.02
N HIS A 233 -15.16 -49.46 26.61
CA HIS A 233 -14.92 -48.47 25.55
C HIS A 233 -14.73 -47.11 26.20
N ARG A 234 -13.50 -46.59 26.09
CA ARG A 234 -13.11 -45.29 26.65
C ARG A 234 -13.52 -44.20 25.64
N GLY A 235 -14.19 -43.14 26.12
CA GLY A 235 -14.57 -41.99 25.26
C GLY A 235 -13.46 -40.98 25.02
N ASP A 236 -13.81 -39.84 24.42
CA ASP A 236 -12.87 -38.74 24.24
C ASP A 236 -12.70 -37.98 25.55
N PHE A 237 -11.60 -37.24 25.60
CA PHE A 237 -11.37 -36.25 26.64
C PHE A 237 -12.17 -35.00 26.30
N LEU A 238 -13.04 -34.57 27.23
CA LEU A 238 -13.89 -33.39 27.07
C LEU A 238 -13.48 -32.35 28.11
N PRO A 239 -13.46 -31.06 27.74
CA PRO A 239 -12.97 -30.06 28.69
C PRO A 239 -14.05 -29.61 29.64
N ASN A 240 -13.64 -29.24 30.85
CA ASN A 240 -14.46 -28.45 31.76
C ASN A 240 -14.02 -27.00 31.66
N ALA A 241 -14.88 -26.08 32.09
CA ALA A 241 -14.60 -24.64 32.04
C ALA A 241 -13.40 -24.23 32.90
N ASP A 242 -13.18 -24.94 34.02
CA ASP A 242 -12.05 -24.67 34.95
C ASP A 242 -10.68 -25.25 34.52
N GLU A 243 -10.57 -25.69 33.27
CA GLU A 243 -9.35 -26.28 32.71
C GLU A 243 -8.96 -27.61 33.37
N THR A 244 -9.99 -28.38 33.73
CA THR A 244 -9.83 -29.76 34.15
C THR A 244 -10.53 -30.59 33.09
N TRP A 245 -10.43 -31.92 33.19
CA TRP A 245 -10.90 -32.83 32.15
C TRP A 245 -12.01 -33.74 32.61
N TYR A 246 -12.81 -34.17 31.63
CA TYR A 246 -13.90 -35.09 31.82
C TYR A 246 -13.73 -36.26 30.85
N LEU A 247 -14.00 -37.48 31.33
CA LEU A 247 -13.93 -38.68 30.50
C LEU A 247 -14.94 -39.71 30.98
N GLN A 248 -15.60 -40.39 30.04
CA GLN A 248 -16.43 -41.55 30.40
C GLN A 248 -16.06 -42.84 29.68
N ALA A 249 -16.12 -43.94 30.44
CA ALA A 249 -15.87 -45.30 29.97
C ALA A 249 -17.16 -46.11 30.05
N THR A 250 -17.58 -46.68 28.91
CA THR A 250 -18.83 -47.43 28.79
C THR A 250 -18.58 -48.93 28.59
N LEU A 251 -19.56 -49.75 28.99
CA LEU A 251 -19.46 -51.22 28.91
C LEU A 251 -20.83 -51.82 28.60
N ASP A 252 -20.89 -52.72 27.62
CA ASP A 252 -22.14 -53.44 27.30
C ASP A 252 -22.22 -54.75 28.09
N VAL A 253 -23.36 -54.98 28.76
CA VAL A 253 -23.59 -56.16 29.61
C VAL A 253 -25.03 -56.68 29.51
N GLU A 254 -25.25 -57.88 30.05
CA GLU A 254 -26.60 -58.46 30.19
C GLU A 254 -27.25 -57.93 31.46
N ALA A 255 -28.58 -57.79 31.43
CA ALA A 255 -29.34 -57.40 32.62
C ALA A 255 -29.26 -58.52 33.66
N GLY A 256 -29.24 -58.13 34.93
CA GLY A 256 -29.00 -59.09 36.03
C GLY A 256 -27.58 -59.62 36.13
N GLU A 257 -26.63 -59.02 35.38
CA GLU A 257 -25.21 -59.39 35.39
C GLU A 257 -24.35 -58.26 35.99
N GLU A 258 -24.99 -57.19 36.46
CA GLU A 258 -24.30 -55.97 36.87
C GLU A 258 -23.71 -56.04 38.29
N ALA A 259 -24.05 -57.11 39.03
CA ALA A 259 -23.46 -57.35 40.35
C ALA A 259 -21.99 -57.77 40.19
N GLY A 260 -21.16 -57.31 41.12
CA GLY A 260 -19.71 -57.58 41.08
C GLY A 260 -18.88 -56.75 40.10
N LEU A 261 -19.52 -55.85 39.35
CA LEU A 261 -18.81 -54.94 38.44
C LEU A 261 -18.40 -53.66 39.16
N ALA A 262 -17.18 -53.21 38.87
CA ALA A 262 -16.67 -51.95 39.41
C ALA A 262 -15.99 -51.13 38.32
N CYS A 263 -15.98 -49.81 38.51
CA CYS A 263 -15.18 -48.92 37.69
C CYS A 263 -13.94 -48.52 38.50
N ARG A 264 -12.76 -48.85 37.97
CA ARG A 264 -11.50 -48.46 38.60
C ARG A 264 -10.86 -47.29 37.85
N VAL A 265 -10.43 -46.28 38.61
CA VAL A 265 -9.78 -45.09 38.04
C VAL A 265 -8.41 -44.89 38.68
N LYS A 266 -7.38 -44.79 37.84
CA LYS A 266 -6.00 -44.46 38.24
C LYS A 266 -5.62 -43.09 37.67
N HIS A 267 -5.03 -42.26 38.52
CA HIS A 267 -4.59 -40.94 38.12
C HIS A 267 -3.52 -40.42 39.08
N SER A 268 -2.55 -39.69 38.54
CA SER A 268 -1.40 -39.18 39.29
C SER A 268 -1.71 -38.33 40.54
N SER A 269 -2.89 -37.72 40.58
CA SER A 269 -3.31 -36.89 41.72
C SER A 269 -3.73 -37.70 42.95
N LEU A 270 -4.09 -38.98 42.76
CA LEU A 270 -4.61 -39.84 43.84
C LEU A 270 -3.51 -40.46 44.73
N GLY A 271 -2.32 -40.66 44.18
CA GLY A 271 -1.15 -41.10 44.94
C GLY A 271 -1.31 -42.48 45.55
N GLY A 272 -1.50 -43.48 44.70
CA GLY A 272 -1.65 -44.88 45.14
C GLY A 272 -3.09 -45.29 45.40
N GLN A 273 -3.81 -44.51 46.20
CA GLN A 273 -5.21 -44.77 46.53
C GLN A 273 -6.16 -44.55 45.33
N ASP A 274 -6.30 -45.57 44.49
CA ASP A 274 -7.24 -45.57 43.35
C ASP A 274 -8.70 -45.43 43.81
N ILE A 275 -9.55 -44.96 42.88
CA ILE A 275 -10.98 -44.89 43.09
C ILE A 275 -11.59 -46.20 42.59
N ILE A 276 -12.47 -46.78 43.40
CA ILE A 276 -13.23 -48.00 43.05
C ILE A 276 -14.69 -47.73 43.42
N LEU A 277 -15.58 -47.79 42.43
CA LEU A 277 -17.02 -47.67 42.66
C LEU A 277 -17.67 -48.99 42.29
N TYR A 278 -18.30 -49.65 43.26
CA TYR A 278 -19.00 -50.92 43.03
C TYR A 278 -20.45 -50.63 42.70
N TRP A 279 -20.95 -51.25 41.63
CA TRP A 279 -22.33 -51.05 41.18
C TRP A 279 -23.34 -51.61 42.17
N GLN B 2 -17.32 -28.97 4.02
CA GLN B 2 -18.32 -28.63 5.09
C GLN B 2 -18.68 -29.86 5.93
N LYS B 3 -18.62 -29.72 7.27
CA LYS B 3 -18.77 -30.85 8.21
C LYS B 3 -19.86 -30.60 9.27
N THR B 4 -20.52 -31.68 9.70
CA THR B 4 -21.61 -31.64 10.69
C THR B 4 -21.05 -31.60 12.13
N PRO B 5 -21.50 -30.63 12.96
CA PRO B 5 -20.98 -30.55 14.33
C PRO B 5 -21.43 -31.70 15.23
N GLN B 6 -20.48 -32.32 15.94
CA GLN B 6 -20.77 -33.21 17.08
C GLN B 6 -21.10 -32.35 18.29
N ILE B 7 -22.00 -32.85 19.15
CA ILE B 7 -22.47 -32.13 20.33
C ILE B 7 -22.51 -33.12 21.49
N GLN B 8 -21.81 -32.81 22.58
CA GLN B 8 -21.84 -33.66 23.77
C GLN B 8 -22.20 -32.83 24.98
N VAL B 9 -23.31 -33.20 25.65
CA VAL B 9 -23.79 -32.51 26.84
C VAL B 9 -23.40 -33.34 28.05
N TYR B 10 -22.87 -32.70 29.09
CA TYR B 10 -22.39 -33.39 30.28
C TYR B 10 -22.21 -32.40 31.42
N SER B 11 -22.20 -32.90 32.64
CA SER B 11 -22.18 -32.06 33.85
C SER B 11 -20.79 -32.13 34.48
N ARG B 12 -20.44 -31.06 35.20
CA ARG B 12 -19.11 -30.91 35.81
C ARG B 12 -18.92 -31.84 36.99
N HIS B 13 -19.92 -31.86 37.87
CA HIS B 13 -19.93 -32.63 39.10
C HIS B 13 -20.98 -33.72 38.97
N PRO B 14 -20.97 -34.73 39.89
CA PRO B 14 -22.02 -35.77 39.81
C PRO B 14 -23.40 -35.16 40.08
N PRO B 15 -24.41 -35.49 39.26
CA PRO B 15 -25.70 -34.83 39.36
C PRO B 15 -26.58 -35.34 40.50
N GLU B 16 -26.91 -34.47 41.44
CA GLU B 16 -27.88 -34.76 42.51
C GLU B 16 -29.03 -33.74 42.47
N ASN B 17 -30.26 -34.25 42.46
CA ASN B 17 -31.44 -33.40 42.35
C ASN B 17 -31.45 -32.38 43.48
N GLY B 18 -31.81 -31.15 43.14
CA GLY B 18 -31.71 -30.02 44.07
C GLY B 18 -30.34 -29.40 44.30
N LYS B 19 -29.26 -30.02 43.80
CA LYS B 19 -27.88 -29.50 44.04
C LYS B 19 -27.33 -28.65 42.88
N PRO B 20 -26.98 -27.36 43.14
CA PRO B 20 -26.32 -26.53 42.12
C PRO B 20 -25.10 -27.20 41.49
N ASN B 21 -24.95 -27.01 40.19
CA ASN B 21 -23.97 -27.74 39.38
C ASN B 21 -23.63 -26.88 38.16
N ILE B 22 -22.84 -27.43 37.24
CA ILE B 22 -22.54 -26.80 35.96
C ILE B 22 -22.81 -27.81 34.84
N LEU B 23 -23.49 -27.35 33.79
CA LEU B 23 -23.77 -28.15 32.59
C LEU B 23 -22.95 -27.64 31.41
N ASN B 24 -22.28 -28.55 30.71
CA ASN B 24 -21.36 -28.25 29.61
C ASN B 24 -21.93 -28.73 28.31
N CYS B 25 -21.86 -27.89 27.28
CA CYS B 25 -22.12 -28.30 25.92
C CYS B 25 -20.86 -28.07 25.07
N TYR B 26 -20.25 -29.18 24.64
CA TYR B 26 -19.00 -29.17 23.88
C TYR B 26 -19.30 -29.49 22.42
N VAL B 27 -19.09 -28.50 21.54
CA VAL B 27 -19.40 -28.59 20.12
C VAL B 27 -18.08 -28.68 19.35
N THR B 28 -17.94 -29.69 18.50
CA THR B 28 -16.65 -30.00 17.86
C THR B 28 -16.82 -30.41 16.42
N GLN B 29 -15.69 -30.50 15.74
CA GLN B 29 -15.56 -31.05 14.39
C GLN B 29 -16.45 -30.36 13.35
N PHE B 30 -16.54 -29.03 13.43
CA PHE B 30 -17.30 -28.24 12.46
C PHE B 30 -16.43 -27.24 11.68
N HIS B 31 -16.89 -26.90 10.47
CA HIS B 31 -16.21 -25.98 9.56
C HIS B 31 -17.27 -25.54 8.55
N PRO B 32 -17.46 -24.21 8.32
CA PRO B 32 -16.73 -23.02 8.77
C PRO B 32 -17.04 -22.69 10.24
N PRO B 33 -16.30 -21.72 10.84
CA PRO B 33 -16.44 -21.44 12.27
C PRO B 33 -17.69 -20.69 12.75
N HIS B 34 -18.44 -20.03 11.86
CA HIS B 34 -19.64 -19.30 12.30
C HIS B 34 -20.69 -20.29 12.81
N ILE B 35 -21.12 -20.09 14.06
CA ILE B 35 -22.01 -21.04 14.73
C ILE B 35 -22.87 -20.35 15.81
N GLU B 36 -24.05 -20.91 16.06
CA GLU B 36 -24.96 -20.36 17.05
C GLU B 36 -25.26 -21.51 18.01
N ILE B 37 -24.99 -21.28 19.29
CA ILE B 37 -25.17 -22.30 20.32
C ILE B 37 -26.11 -21.72 21.38
N GLN B 38 -27.13 -22.49 21.74
CA GLN B 38 -28.04 -22.13 22.83
C GLN B 38 -28.07 -23.28 23.80
N MET B 39 -28.14 -22.98 25.08
CA MET B 39 -28.42 -23.99 26.08
C MET B 39 -29.85 -23.77 26.56
N LEU B 40 -30.64 -24.83 26.47
CA LEU B 40 -32.07 -24.78 26.75
C LEU B 40 -32.41 -25.45 28.09
N LYS B 41 -33.31 -24.81 28.82
CA LYS B 41 -34.00 -25.41 29.97
C LYS B 41 -35.48 -25.54 29.60
N ASN B 42 -35.97 -26.78 29.47
CA ASN B 42 -37.37 -27.07 29.11
C ASN B 42 -37.77 -26.44 27.77
N GLY B 43 -36.80 -26.33 26.86
CA GLY B 43 -37.01 -25.67 25.58
C GLY B 43 -36.83 -24.16 25.55
N LYS B 44 -36.82 -23.47 26.70
CA LYS B 44 -36.59 -22.02 26.72
C LYS B 44 -35.09 -21.72 26.79
N LYS B 45 -34.70 -20.58 26.24
CA LYS B 45 -33.29 -20.18 26.17
C LYS B 45 -32.80 -19.72 27.55
N ILE B 46 -31.75 -20.37 28.05
CA ILE B 46 -31.14 -20.03 29.34
C ILE B 46 -30.43 -18.68 29.14
N PRO B 47 -30.51 -17.75 30.13
CA PRO B 47 -30.03 -16.40 29.85
C PRO B 47 -28.50 -16.19 29.83
N LYS B 48 -27.77 -16.62 30.87
CA LYS B 48 -26.37 -16.18 31.07
C LYS B 48 -25.30 -17.23 30.68
N VAL B 49 -25.43 -17.79 29.48
CA VAL B 49 -24.59 -18.91 29.04
C VAL B 49 -23.18 -18.43 28.67
N GLU B 50 -22.18 -18.88 29.43
CA GLU B 50 -20.78 -18.54 29.17
C GLU B 50 -20.20 -19.42 28.06
N MET B 51 -19.23 -18.88 27.34
CA MET B 51 -18.55 -19.60 26.27
C MET B 51 -17.05 -19.39 26.30
N SER B 52 -16.29 -20.46 26.10
CA SER B 52 -14.86 -20.36 25.93
C SER B 52 -14.57 -19.69 24.59
N ASP B 53 -13.32 -19.33 24.38
CA ASP B 53 -12.90 -18.76 23.11
C ASP B 53 -12.92 -19.87 22.09
N MET B 54 -13.35 -19.56 20.87
CA MET B 54 -13.30 -20.58 19.82
C MET B 54 -11.83 -20.90 19.49
N SER B 55 -11.58 -22.18 19.27
CA SER B 55 -10.25 -22.66 18.90
C SER B 55 -10.41 -23.81 17.89
N PHE B 56 -9.29 -24.40 17.47
CA PHE B 56 -9.33 -25.54 16.54
C PHE B 56 -8.25 -26.57 16.86
N SER B 57 -8.48 -27.79 16.37
CA SER B 57 -7.62 -28.95 16.63
C SER B 57 -6.56 -29.12 15.54
N LYS B 58 -5.70 -30.12 15.70
CA LYS B 58 -4.67 -30.45 14.71
C LYS B 58 -5.23 -30.59 13.30
N ASP B 59 -6.45 -31.13 13.20
CA ASP B 59 -7.10 -31.37 11.91
C ASP B 59 -7.79 -30.14 11.30
N TRP B 60 -7.67 -28.98 11.94
CA TRP B 60 -8.18 -27.68 11.46
C TRP B 60 -9.67 -27.45 11.69
N SER B 61 -10.35 -28.42 12.28
CA SER B 61 -11.76 -28.29 12.63
C SER B 61 -11.87 -27.55 13.95
N PHE B 62 -12.93 -26.77 14.06
CA PHE B 62 -13.14 -25.90 15.21
C PHE B 62 -13.84 -26.62 16.37
N TYR B 63 -13.71 -26.04 17.55
CA TYR B 63 -14.45 -26.48 18.71
C TYR B 63 -14.71 -25.31 19.66
N ILE B 64 -15.70 -25.46 20.52
CA ILE B 64 -16.04 -24.42 21.50
C ILE B 64 -16.85 -25.03 22.64
N LEU B 65 -16.63 -24.55 23.86
CA LEU B 65 -17.28 -25.06 25.04
C LEU B 65 -18.27 -24.04 25.56
N ALA B 66 -19.55 -24.39 25.50
CA ALA B 66 -20.60 -23.63 26.20
C ALA B 66 -20.80 -24.26 27.56
N HIS B 67 -21.09 -23.44 28.56
CA HIS B 67 -21.42 -23.95 29.89
C HIS B 67 -22.23 -22.91 30.66
N THR B 68 -22.97 -23.40 31.65
CA THR B 68 -23.87 -22.55 32.43
C THR B 68 -24.15 -23.20 33.79
N GLU B 69 -24.50 -22.38 34.77
CA GLU B 69 -24.98 -22.88 36.07
C GLU B 69 -26.38 -23.50 35.95
N PHE B 70 -26.57 -24.65 36.58
CA PHE B 70 -27.88 -25.28 36.65
C PHE B 70 -28.03 -26.11 37.93
N THR B 71 -29.29 -26.34 38.31
CA THR B 71 -29.69 -27.20 39.42
C THR B 71 -30.59 -28.27 38.81
N PRO B 72 -30.13 -29.54 38.73
CA PRO B 72 -31.00 -30.56 38.11
C PRO B 72 -32.17 -30.98 39.01
N THR B 73 -33.28 -31.38 38.40
CA THR B 73 -34.48 -31.85 39.13
C THR B 73 -35.06 -33.03 38.38
N GLU B 74 -36.03 -33.72 39.00
CA GLU B 74 -36.71 -34.84 38.34
C GLU B 74 -37.53 -34.39 37.12
N THR B 75 -38.12 -33.19 37.21
CA THR B 75 -39.05 -32.71 36.18
C THR B 75 -38.38 -31.98 35.00
N ASP B 76 -37.33 -31.19 35.27
CA ASP B 76 -36.73 -30.31 34.24
C ASP B 76 -35.82 -31.01 33.23
N THR B 77 -36.00 -30.71 31.95
CA THR B 77 -35.08 -31.14 30.89
C THR B 77 -34.12 -30.01 30.52
N TYR B 78 -32.94 -30.39 30.04
CA TYR B 78 -31.89 -29.47 29.65
C TYR B 78 -31.29 -29.92 28.33
N ALA B 79 -31.03 -28.97 27.43
CA ALA B 79 -30.55 -29.32 26.10
C ALA B 79 -29.58 -28.30 25.52
N CYS B 80 -28.92 -28.70 24.44
CA CYS B 80 -28.04 -27.81 23.69
C CYS B 80 -28.43 -27.83 22.22
N ARG B 81 -28.83 -26.64 21.72
CA ARG B 81 -29.32 -26.46 20.35
C ARG B 81 -28.27 -25.71 19.53
N VAL B 82 -27.93 -26.29 18.37
CA VAL B 82 -26.84 -25.83 17.52
C VAL B 82 -27.31 -25.60 16.09
N LYS B 83 -27.27 -24.34 15.66
CA LYS B 83 -27.55 -23.98 14.26
C LYS B 83 -26.22 -23.79 13.52
N HIS B 84 -26.06 -24.47 12.40
CA HIS B 84 -24.84 -24.39 11.59
C HIS B 84 -25.16 -24.60 10.11
N ALA B 85 -24.44 -23.90 9.24
CA ALA B 85 -24.68 -23.93 7.78
C ALA B 85 -24.69 -25.34 7.16
N SER B 86 -23.88 -26.25 7.72
CA SER B 86 -23.81 -27.66 7.29
C SER B 86 -25.08 -28.50 7.48
N MET B 87 -26.02 -28.01 8.31
CA MET B 87 -27.30 -28.70 8.57
C MET B 87 -28.43 -27.80 8.09
N ALA B 88 -29.47 -28.42 7.53
CA ALA B 88 -30.66 -27.69 7.09
C ALA B 88 -31.45 -27.15 8.28
N GLU B 89 -31.46 -27.92 9.38
CA GLU B 89 -32.19 -27.53 10.60
C GLU B 89 -31.36 -27.73 11.86
N PRO B 90 -31.66 -26.93 12.92
CA PRO B 90 -31.04 -27.08 14.24
C PRO B 90 -31.01 -28.52 14.78
N LYS B 91 -29.82 -28.96 15.21
CA LYS B 91 -29.65 -30.25 15.89
C LYS B 91 -29.72 -29.99 17.37
N THR B 92 -30.51 -30.78 18.08
CA THR B 92 -30.69 -30.62 19.52
C THR B 92 -30.24 -31.91 20.20
N VAL B 93 -29.41 -31.76 21.24
CA VAL B 93 -28.97 -32.90 22.05
C VAL B 93 -29.41 -32.63 23.49
N TYR B 94 -30.23 -33.55 24.01
CA TYR B 94 -30.74 -33.45 25.38
C TYR B 94 -29.72 -34.02 26.35
N TRP B 95 -29.65 -33.41 27.54
CA TRP B 95 -28.87 -33.97 28.64
C TRP B 95 -29.54 -35.27 29.09
N ASP B 96 -28.76 -36.35 29.18
CA ASP B 96 -29.26 -37.72 29.28
C ASP B 96 -29.48 -38.17 30.74
N ARG B 97 -29.53 -37.23 31.69
CA ARG B 97 -29.65 -37.51 33.13
C ARG B 97 -28.40 -38.13 33.77
N ASP B 98 -27.57 -38.80 32.95
CA ASP B 98 -26.43 -39.57 33.41
C ASP B 98 -25.19 -38.69 33.52
N MET B 99 -24.86 -38.03 32.41
CA MET B 99 -23.58 -37.29 32.24
C MET B 99 -23.41 -36.10 33.18
N THR C 3 -3.70 13.52 4.69
CA THR C 3 -2.23 13.59 4.37
C THR C 3 -1.35 12.92 5.45
N GLN C 4 -0.85 11.74 5.13
CA GLN C 4 0.07 11.00 5.99
C GLN C 4 1.53 11.24 5.64
N VAL C 5 1.83 12.06 4.65
CA VAL C 5 3.22 12.38 4.32
C VAL C 5 3.39 13.88 4.18
N GLU C 6 4.24 14.49 5.01
CA GLU C 6 4.41 15.96 5.04
C GLU C 6 5.85 16.33 4.75
N GLN C 7 6.03 17.29 3.86
CA GLN C 7 7.35 17.75 3.46
C GLN C 7 7.51 19.22 3.85
N SER C 8 8.76 19.57 4.17
CA SER C 8 9.14 20.90 4.64
C SER C 8 10.54 21.23 4.11
N PRO C 9 10.83 22.49 3.75
CA PRO C 9 9.90 23.60 3.53
C PRO C 9 9.00 23.35 2.32
N GLN C 10 7.94 24.14 2.19
CA GLN C 10 7.10 24.10 0.99
C GLN C 10 7.91 24.46 -0.24
N SER C 11 8.68 25.54 -0.13
CA SER C 11 9.59 25.97 -1.17
C SER C 11 10.74 26.73 -0.57
N LEU C 12 11.85 26.78 -1.30
CA LEU C 12 13.02 27.52 -0.86
C LEU C 12 13.79 27.97 -2.07
N VAL C 13 14.46 29.12 -1.94
CA VAL C 13 15.32 29.68 -3.00
C VAL C 13 16.75 29.67 -2.47
N VAL C 14 17.68 29.10 -3.22
CA VAL C 14 19.09 29.04 -2.80
C VAL C 14 19.97 29.43 -3.97
N ARG C 15 21.12 30.03 -3.65
CA ARG C 15 22.08 30.49 -4.66
C ARG C 15 22.99 29.34 -5.03
N GLN C 16 23.33 29.26 -6.32
CA GLN C 16 24.20 28.21 -6.83
C GLN C 16 25.40 27.95 -5.94
N GLY C 17 25.70 26.68 -5.69
CA GLY C 17 26.85 26.27 -4.87
C GLY C 17 26.57 26.10 -3.39
N GLU C 18 25.46 26.66 -2.90
CA GLU C 18 25.05 26.47 -1.50
C GLU C 18 24.47 25.07 -1.35
N ASN C 19 24.54 24.53 -0.14
CA ASN C 19 23.88 23.26 0.21
C ASN C 19 22.46 23.56 0.65
N CYS C 20 21.60 22.55 0.60
CA CYS C 20 20.28 22.64 1.21
C CYS C 20 19.84 21.29 1.75
N VAL C 21 18.79 21.34 2.58
CA VAL C 21 18.26 20.18 3.29
C VAL C 21 16.74 20.17 3.13
N LEU C 22 16.18 19.03 2.77
CA LEU C 22 14.73 18.86 2.59
C LEU C 22 14.28 17.83 3.61
N GLN C 23 13.13 18.06 4.24
CA GLN C 23 12.61 17.19 5.29
C GLN C 23 11.34 16.48 4.80
N CYS C 24 11.16 15.26 5.29
CA CYS C 24 9.95 14.48 5.09
C CYS C 24 9.55 13.82 6.40
N ASN C 25 8.32 14.07 6.82
CA ASN C 25 7.77 13.46 8.03
C ASN C 25 6.51 12.76 7.65
N TYR C 26 6.29 11.59 8.24
CA TYR C 26 5.15 10.78 7.89
C TYR C 26 4.55 10.07 9.10
N SER C 27 3.26 9.72 8.95
CA SER C 27 2.56 8.86 9.91
C SER C 27 2.15 7.49 9.30
N VAL C 28 2.52 7.23 8.04
CA VAL C 28 2.21 5.97 7.37
C VAL C 28 2.63 4.79 8.23
N THR C 29 1.76 3.76 8.36
CA THR C 29 2.04 2.51 9.09
C THR C 29 1.58 1.26 8.33
N PRO C 30 2.46 0.25 8.14
CA PRO C 30 3.90 0.27 8.40
C PRO C 30 4.63 1.06 7.34
N ASP C 31 5.92 1.24 7.57
CA ASP C 31 6.80 2.01 6.70
C ASP C 31 7.95 1.10 6.27
N ASN C 32 7.77 0.44 5.12
CA ASN C 32 8.75 -0.49 4.59
C ASN C 32 9.95 0.24 4.00
N HIS C 33 9.67 1.27 3.21
CA HIS C 33 10.72 2.03 2.58
C HIS C 33 10.27 3.44 2.20
N LEU C 34 11.26 4.30 1.95
CA LEU C 34 11.01 5.70 1.62
C LEU C 34 11.90 6.09 0.45
N ARG C 35 11.28 6.68 -0.57
CA ARG C 35 11.96 7.05 -1.79
C ARG C 35 11.85 8.54 -2.03
N TRP C 36 12.93 9.11 -2.55
CA TRP C 36 12.93 10.51 -2.97
C TRP C 36 12.97 10.60 -4.51
N PHE C 37 12.07 11.38 -5.08
CA PHE C 37 11.98 11.62 -6.50
C PHE C 37 12.38 13.07 -6.78
N LYS C 38 13.02 13.29 -7.92
CA LYS C 38 13.20 14.64 -8.48
C LYS C 38 12.26 14.77 -9.66
N GLN C 39 11.41 15.80 -9.67
CA GLN C 39 10.54 16.10 -10.80
C GLN C 39 10.81 17.50 -11.34
N ASP C 40 11.45 17.57 -12.51
CA ASP C 40 11.58 18.81 -13.27
C ASP C 40 10.22 19.32 -13.70
N THR C 41 10.15 20.62 -13.94
CA THR C 41 8.93 21.28 -14.43
C THR C 41 8.42 20.65 -15.75
N GLY C 42 7.17 20.18 -15.74
CA GLY C 42 6.58 19.45 -16.87
C GLY C 42 6.86 17.95 -16.84
N LYS C 43 8.11 17.58 -16.57
CA LYS C 43 8.61 16.24 -16.83
C LYS C 43 8.17 15.18 -15.78
N GLY C 44 8.92 14.09 -15.69
CA GLY C 44 8.53 12.93 -14.92
C GLY C 44 9.34 12.69 -13.67
N LEU C 45 9.13 11.52 -13.09
CA LEU C 45 9.63 11.18 -11.76
C LEU C 45 10.92 10.42 -11.90
N VAL C 46 12.04 11.04 -11.50
CA VAL C 46 13.37 10.40 -11.49
C VAL C 46 13.74 10.06 -10.03
N SER C 47 13.96 8.78 -9.76
CA SER C 47 14.29 8.30 -8.42
C SER C 47 15.71 8.68 -8.09
N LEU C 48 15.91 9.26 -6.91
CA LEU C 48 17.23 9.64 -6.44
C LEU C 48 17.83 8.59 -5.49
N THR C 49 17.01 8.07 -4.58
CA THR C 49 17.47 7.10 -3.63
C THR C 49 16.25 6.47 -2.97
N VAL C 50 16.46 5.28 -2.39
CA VAL C 50 15.44 4.57 -1.64
C VAL C 50 16.09 4.06 -0.36
N LEU C 51 15.53 4.44 0.78
CA LEU C 51 16.04 4.05 2.09
C LEU C 51 15.14 2.94 2.63
N VAL C 52 15.73 1.87 3.16
CA VAL C 52 14.98 0.68 3.58
C VAL C 52 15.12 0.22 5.05
N ASP C 53 16.20 0.59 5.72
CA ASP C 53 16.46 0.15 7.10
C ASP C 53 15.92 1.10 8.17
N GLN C 54 15.86 0.56 9.38
CA GLN C 54 15.42 1.26 10.58
C GLN C 54 16.14 2.60 10.77
N LYS C 55 17.47 2.56 10.67
CA LYS C 55 18.32 3.75 10.65
C LYS C 55 19.11 3.57 9.37
N ASP C 56 18.88 4.41 8.37
CA ASP C 56 19.52 4.23 7.08
C ASP C 56 20.14 5.54 6.60
N LYS C 57 21.15 5.39 5.74
CA LYS C 57 21.88 6.47 5.10
C LYS C 57 22.15 6.04 3.66
N THR C 58 21.89 6.90 2.69
CA THR C 58 22.27 6.60 1.31
C THR C 58 22.97 7.80 0.69
N SER C 59 23.70 7.55 -0.38
CA SER C 59 24.29 8.62 -1.18
C SER C 59 24.19 8.33 -2.67
N ASN C 60 24.06 9.37 -3.44
CA ASN C 60 24.01 9.29 -4.86
C ASN C 60 24.57 10.59 -5.37
N GLY C 61 25.87 10.62 -5.56
CA GLY C 61 26.52 11.83 -5.99
C GLY C 61 26.42 12.98 -5.01
N ARG C 62 25.82 14.05 -5.44
CA ARG C 62 25.64 15.21 -4.59
C ARG C 62 24.46 15.08 -3.63
N TYR C 63 23.61 14.08 -3.84
CA TYR C 63 22.50 13.81 -2.99
C TYR C 63 22.85 12.79 -1.95
N SER C 64 22.47 13.05 -0.73
CA SER C 64 22.65 12.13 0.35
C SER C 64 21.36 12.14 1.15
N ALA C 65 21.07 11.08 1.84
CA ALA C 65 19.80 11.03 2.57
C ALA C 65 19.88 10.19 3.83
N THR C 66 18.97 10.46 4.77
CA THR C 66 18.83 9.69 5.99
C THR C 66 17.39 9.23 6.18
N LEU C 67 17.23 8.11 6.90
CA LEU C 67 15.93 7.63 7.33
C LEU C 67 16.05 7.15 8.76
N ASP C 68 15.17 7.64 9.62
CA ASP C 68 15.00 7.13 10.97
C ASP C 68 13.53 6.70 11.06
N LYS C 69 13.30 5.38 11.15
CA LYS C 69 11.93 4.83 11.24
C LYS C 69 11.22 5.03 12.57
N ASP C 70 11.96 5.03 13.68
CA ASP C 70 11.36 5.36 14.98
C ASP C 70 10.73 6.75 14.99
N ALA C 71 11.47 7.75 14.51
CA ALA C 71 10.96 9.13 14.41
C ALA C 71 10.04 9.37 13.20
N LYS C 72 10.04 8.46 12.22
CA LYS C 72 9.26 8.60 11.00
C LYS C 72 9.66 9.87 10.26
N HIS C 73 10.96 9.94 10.01
CA HIS C 73 11.62 11.14 9.55
C HIS C 73 12.72 10.81 8.55
N SER C 74 12.71 11.54 7.42
CA SER C 74 13.78 11.49 6.43
C SER C 74 14.24 12.91 6.01
N THR C 75 15.53 13.06 5.72
CA THR C 75 16.06 14.29 5.15
C THR C 75 16.83 13.97 3.88
N LEU C 76 16.60 14.77 2.83
CA LEU C 76 17.43 14.76 1.64
C LEU C 76 18.37 15.96 1.69
N HIS C 77 19.69 15.71 1.64
CA HIS C 77 20.72 16.75 1.59
C HIS C 77 21.23 16.89 0.16
N ILE C 78 21.26 18.11 -0.37
CA ILE C 78 21.87 18.37 -1.67
C ILE C 78 23.15 19.16 -1.42
N THR C 79 24.28 18.66 -1.92
CA THR C 79 25.56 19.35 -1.77
C THR C 79 25.88 20.17 -3.03
N ALA C 80 26.29 21.42 -2.84
CA ALA C 80 26.77 22.26 -3.94
C ALA C 80 25.76 22.34 -5.10
N THR C 81 24.62 23.01 -4.85
CA THR C 81 23.51 23.05 -5.80
C THR C 81 23.93 23.60 -7.16
N LEU C 82 23.45 22.96 -8.22
CA LEU C 82 23.61 23.46 -9.58
C LEU C 82 22.25 23.91 -10.06
N LEU C 83 22.25 24.67 -11.14
CA LEU C 83 21.04 25.26 -11.71
C LEU C 83 19.98 24.16 -12.03
N ASP C 84 20.47 23.02 -12.56
CA ASP C 84 19.66 21.83 -12.85
C ASP C 84 18.93 21.17 -11.66
N ASP C 85 19.28 21.51 -10.42
CA ASP C 85 18.53 21.06 -9.24
C ASP C 85 17.21 21.81 -9.06
N THR C 86 16.99 22.86 -9.84
CA THR C 86 15.70 23.53 -9.86
C THR C 86 14.62 22.51 -10.25
N ALA C 87 13.74 22.20 -9.32
CA ALA C 87 12.79 21.08 -9.46
C ALA C 87 11.95 20.96 -8.20
N THR C 88 10.96 20.09 -8.26
CA THR C 88 10.13 19.72 -7.12
C THR C 88 10.66 18.37 -6.64
N TYR C 89 10.86 18.23 -5.32
CA TYR C 89 11.41 17.00 -4.73
C TYR C 89 10.31 16.34 -3.93
N ILE C 90 10.04 15.07 -4.22
CA ILE C 90 8.88 14.36 -3.70
C ILE C 90 9.34 13.19 -2.83
N CYS C 91 8.66 13.05 -1.70
CA CYS C 91 8.92 12.04 -0.71
C CYS C 91 7.80 11.01 -0.80
N VAL C 92 8.16 9.72 -0.88
CA VAL C 92 7.15 8.66 -1.07
C VAL C 92 7.42 7.52 -0.10
N VAL C 93 6.40 7.12 0.65
CA VAL C 93 6.51 6.02 1.61
C VAL C 93 5.67 4.84 1.14
N GLY C 94 6.32 3.68 1.03
CA GLY C 94 5.68 2.43 0.66
C GLY C 94 5.44 1.65 1.92
N ASP C 95 4.21 1.15 2.07
CA ASP C 95 3.78 0.43 3.27
C ASP C 95 3.92 -1.12 3.21
N ARG C 96 4.54 -1.65 2.16
CA ARG C 96 4.91 -3.07 2.07
C ARG C 96 6.17 -3.23 1.25
N GLY C 97 6.90 -4.30 1.52
CA GLY C 97 8.02 -4.69 0.69
C GLY C 97 7.63 -5.58 -0.49
N SER C 98 6.41 -5.41 -1.00
CA SER C 98 5.90 -6.15 -2.14
C SER C 98 4.85 -5.33 -2.91
N ALA C 99 4.35 -5.92 -4.00
CA ALA C 99 3.28 -5.29 -4.79
C ALA C 99 1.93 -5.19 -4.07
N LEU C 100 1.82 -5.80 -2.91
CA LEU C 100 0.63 -5.60 -2.08
C LEU C 100 0.61 -4.19 -1.42
N GLY C 101 1.66 -3.40 -1.65
CA GLY C 101 1.87 -2.13 -1.03
C GLY C 101 1.16 -1.01 -1.74
N ARG C 102 0.80 -0.01 -0.96
CA ARG C 102 0.37 1.29 -1.47
C ARG C 102 1.49 2.28 -1.24
N LEU C 103 1.63 3.20 -2.19
CA LEU C 103 2.55 4.32 -2.11
C LEU C 103 1.83 5.55 -1.60
N HIS C 104 2.47 6.26 -0.67
CA HIS C 104 1.88 7.42 -0.04
C HIS C 104 2.78 8.59 -0.38
N PHE C 105 2.28 9.50 -1.20
CA PHE C 105 3.09 10.56 -1.78
C PHE C 105 2.98 11.84 -0.96
N GLY C 106 4.11 12.50 -0.75
CA GLY C 106 4.10 13.86 -0.23
C GLY C 106 3.76 14.83 -1.35
N ALA C 107 3.32 16.03 -1.01
CA ALA C 107 3.03 17.06 -2.02
C ALA C 107 4.28 17.75 -2.60
N GLY C 108 5.47 17.47 -2.06
CA GLY C 108 6.68 17.94 -2.69
C GLY C 108 7.18 19.26 -2.12
N THR C 109 8.45 19.51 -2.36
CA THR C 109 9.14 20.73 -1.96
C THR C 109 9.72 21.35 -3.23
N GLN C 110 9.38 22.60 -3.50
CA GLN C 110 9.90 23.31 -4.67
C GLN C 110 11.25 23.99 -4.40
N LEU C 111 12.29 23.56 -5.09
CA LEU C 111 13.61 24.19 -5.03
C LEU C 111 13.84 25.06 -6.26
N ILE C 112 14.29 26.30 -6.05
CA ILE C 112 14.80 27.15 -7.13
C ILE C 112 16.25 27.49 -6.82
N VAL C 113 17.12 27.27 -7.79
CA VAL C 113 18.55 27.57 -7.65
C VAL C 113 18.87 28.79 -8.53
N ILE C 114 19.30 29.87 -7.89
CA ILE C 114 19.68 31.10 -8.61
C ILE C 114 21.10 30.92 -9.15
N PRO C 115 21.29 31.14 -10.47
CA PRO C 115 22.59 30.88 -11.07
C PRO C 115 23.63 31.96 -10.81
N ASP C 116 24.90 31.54 -10.77
CA ASP C 116 26.05 32.42 -10.60
C ASP C 116 26.45 32.96 -11.98
N ILE C 117 26.26 34.26 -12.22
CA ILE C 117 26.66 34.90 -13.49
C ILE C 117 28.02 35.57 -13.30
N GLN C 118 29.06 34.96 -13.89
CA GLN C 118 30.47 35.32 -13.61
C GLN C 118 30.86 36.69 -14.16
N ASN C 119 30.71 36.85 -15.48
CA ASN C 119 31.21 38.00 -16.21
C ASN C 119 30.04 38.74 -16.89
N PRO C 120 29.20 39.42 -16.09
CA PRO C 120 28.04 40.12 -16.67
C PRO C 120 28.43 41.20 -17.68
N ASP C 121 27.57 41.39 -18.67
CA ASP C 121 27.81 42.30 -19.80
C ASP C 121 26.45 42.84 -20.27
N PRO C 122 25.64 43.37 -19.33
CA PRO C 122 24.25 43.78 -19.64
C PRO C 122 24.12 44.62 -20.90
N ALA C 123 23.21 44.21 -21.80
CA ALA C 123 22.99 44.89 -23.09
C ALA C 123 21.56 44.72 -23.58
N VAL C 124 21.14 45.60 -24.48
CA VAL C 124 19.82 45.50 -25.11
C VAL C 124 19.95 45.60 -26.63
N TYR C 125 19.74 44.47 -27.31
CA TYR C 125 19.87 44.37 -28.77
C TYR C 125 18.51 44.31 -29.47
N GLN C 126 18.47 44.76 -30.71
CA GLN C 126 17.29 44.64 -31.59
C GLN C 126 17.51 43.48 -32.55
N LEU C 127 16.48 42.65 -32.74
CA LEU C 127 16.55 41.46 -33.60
C LEU C 127 15.40 41.48 -34.61
N ARG C 128 15.72 41.22 -35.88
CA ARG C 128 14.72 41.31 -36.96
C ARG C 128 14.19 39.95 -37.40
N ASP C 129 12.91 39.90 -37.78
CA ASP C 129 12.27 38.69 -38.30
C ASP C 129 12.95 38.24 -39.62
N SER C 130 13.32 36.96 -39.69
CA SER C 130 13.95 36.36 -40.87
C SER C 130 13.11 36.48 -42.17
N LYS C 131 11.79 36.51 -42.02
CA LYS C 131 10.87 36.72 -43.15
C LYS C 131 10.57 38.20 -43.37
N SER C 132 9.82 38.80 -42.44
CA SER C 132 9.32 40.17 -42.59
C SER C 132 10.15 41.14 -41.74
N SER C 133 11.20 41.71 -42.35
CA SER C 133 12.22 42.50 -41.62
C SER C 133 11.74 43.80 -40.96
N ASP C 134 10.53 44.27 -41.30
CA ASP C 134 9.89 45.39 -40.58
C ASP C 134 9.42 45.08 -39.14
N LYS C 135 9.17 43.80 -38.83
CA LYS C 135 8.84 43.35 -37.47
C LYS C 135 10.13 43.02 -36.67
N SER C 136 10.10 43.21 -35.36
CA SER C 136 11.29 43.00 -34.51
C SER C 136 11.00 42.71 -33.03
N VAL C 137 12.05 42.33 -32.32
CA VAL C 137 11.99 42.15 -30.85
C VAL C 137 13.16 42.85 -30.20
N CYS C 138 13.07 43.05 -28.89
CA CYS C 138 14.14 43.64 -28.11
C CYS C 138 14.60 42.64 -27.07
N LEU C 139 15.87 42.28 -27.14
CA LEU C 139 16.44 41.27 -26.27
C LEU C 139 17.32 41.96 -25.23
N PHE C 140 16.93 41.85 -23.96
CA PHE C 140 17.74 42.32 -22.85
C PHE C 140 18.47 41.08 -22.32
N THR C 141 19.81 41.10 -22.32
CA THR C 141 20.60 39.91 -21.97
C THR C 141 21.88 40.25 -21.19
N ASP C 142 22.50 39.22 -20.65
CA ASP C 142 23.81 39.29 -19.99
C ASP C 142 23.87 40.04 -18.63
N PHE C 143 22.71 40.32 -18.04
CA PHE C 143 22.60 40.90 -16.69
C PHE C 143 22.75 39.83 -15.59
N ASP C 144 23.27 40.23 -14.43
CA ASP C 144 23.46 39.33 -13.29
C ASP C 144 22.14 39.02 -12.61
N SER C 145 22.15 38.04 -11.70
CA SER C 145 20.93 37.52 -11.10
C SER C 145 20.27 38.42 -10.04
N GLN C 146 20.94 39.52 -9.66
CA GLN C 146 20.30 40.56 -8.83
C GLN C 146 19.72 41.70 -9.70
N THR C 147 18.94 41.35 -10.73
CA THR C 147 18.24 42.31 -11.60
C THR C 147 16.85 41.77 -11.92
N ASN C 148 15.81 42.51 -11.57
CA ASN C 148 14.43 42.08 -11.81
C ASN C 148 13.89 42.75 -13.07
N VAL C 149 13.09 41.99 -13.82
CA VAL C 149 12.42 42.50 -15.02
C VAL C 149 10.93 42.67 -14.69
N SER C 150 10.35 43.78 -15.15
CA SER C 150 8.96 44.14 -14.83
C SER C 150 8.10 44.24 -16.09
N GLN C 151 6.83 43.82 -16.00
CA GLN C 151 5.89 43.82 -17.14
C GLN C 151 5.21 45.16 -17.34
N ASP C 154 2.19 49.55 -20.17
CA ASP C 154 1.48 49.50 -21.45
C ASP C 154 1.04 48.06 -21.79
N SER C 155 -0.28 47.84 -21.86
CA SER C 155 -0.83 46.51 -22.16
C SER C 155 -0.65 46.07 -23.62
N ASP C 156 -0.40 47.02 -24.53
CA ASP C 156 -0.04 46.71 -25.93
C ASP C 156 1.44 46.35 -26.13
N VAL C 157 2.27 46.54 -25.10
CA VAL C 157 3.67 46.05 -25.09
C VAL C 157 3.73 44.75 -24.28
N TYR C 158 4.53 43.80 -24.76
CA TYR C 158 4.73 42.52 -24.06
C TYR C 158 6.17 42.38 -23.65
N ILE C 159 6.39 41.91 -22.43
CA ILE C 159 7.74 41.64 -21.90
C ILE C 159 7.67 40.33 -21.15
N THR C 160 8.67 39.48 -21.35
CA THR C 160 8.68 38.16 -20.72
C THR C 160 9.52 38.21 -19.46
N ASP C 161 9.30 37.25 -18.58
CA ASP C 161 10.11 37.12 -17.38
C ASP C 161 11.53 36.77 -17.81
N LYS C 162 12.48 36.96 -16.91
CA LYS C 162 13.85 36.53 -17.17
C LYS C 162 13.89 35.02 -17.26
N CYS C 163 14.97 34.53 -17.85
CA CYS C 163 15.15 33.13 -18.16
C CYS C 163 16.63 32.88 -18.42
N VAL C 164 17.19 31.84 -17.80
CA VAL C 164 18.63 31.58 -17.87
C VAL C 164 18.94 30.42 -18.80
N LEU C 165 19.91 30.60 -19.69
CA LEU C 165 20.37 29.55 -20.60
C LEU C 165 21.78 29.12 -20.25
N ASP C 166 22.13 27.90 -20.67
CA ASP C 166 23.38 27.26 -20.32
C ASP C 166 23.99 26.63 -21.58
N MET C 167 25.03 27.29 -22.11
CA MET C 167 25.80 26.78 -23.24
C MET C 167 26.83 25.81 -22.65
N ARG C 168 26.43 24.54 -22.58
CA ARG C 168 27.14 23.52 -21.80
C ARG C 168 28.63 23.42 -22.09
N SER C 169 28.95 23.27 -23.38
CA SER C 169 30.34 23.04 -23.84
C SER C 169 31.32 24.16 -23.45
N MET C 170 30.84 25.42 -23.49
CA MET C 170 31.66 26.58 -23.11
C MET C 170 31.66 26.90 -21.61
N ASP C 171 30.83 26.20 -20.81
CA ASP C 171 30.65 26.49 -19.38
C ASP C 171 30.32 27.98 -19.19
N PHE C 172 29.12 28.35 -19.63
CA PHE C 172 28.72 29.75 -19.71
C PHE C 172 27.21 29.87 -19.55
N LYS C 173 26.80 30.75 -18.65
CA LYS C 173 25.38 30.99 -18.35
C LYS C 173 25.05 32.45 -18.58
N SER C 174 23.84 32.71 -19.06
CA SER C 174 23.35 34.07 -19.28
C SER C 174 21.83 34.17 -19.13
N ASN C 175 21.39 35.27 -18.50
CA ASN C 175 19.96 35.60 -18.37
C ASN C 175 19.53 36.36 -19.62
N SER C 176 18.24 36.39 -19.87
CA SER C 176 17.69 37.27 -20.88
C SER C 176 16.20 37.46 -20.69
N ALA C 177 15.68 38.55 -21.22
CA ALA C 177 14.24 38.72 -21.38
C ALA C 177 13.98 39.38 -22.71
N VAL C 178 12.77 39.22 -23.22
CA VAL C 178 12.41 39.67 -24.56
C VAL C 178 11.23 40.61 -24.45
N ALA C 179 11.20 41.62 -25.31
CA ALA C 179 10.09 42.54 -25.40
C ALA C 179 9.73 42.83 -26.84
N TRP C 180 8.44 43.00 -27.11
CA TRP C 180 7.94 43.33 -28.46
C TRP C 180 6.58 44.02 -28.42
N SER C 181 6.28 44.74 -29.50
CA SER C 181 5.01 45.46 -29.64
C SER C 181 4.86 46.01 -31.05
N ASN C 182 3.70 45.81 -31.67
CA ASN C 182 3.39 46.42 -32.97
C ASN C 182 3.11 47.95 -32.87
N LYS C 183 2.49 48.39 -31.77
CA LYS C 183 2.15 49.81 -31.55
C LYS C 183 3.38 50.72 -31.39
N ASP C 185 7.67 54.35 -32.34
CA ASP C 185 6.74 54.46 -31.21
C ASP C 185 7.05 53.43 -30.12
N PHE C 186 7.40 52.21 -30.56
CA PHE C 186 8.09 51.22 -29.73
C PHE C 186 9.51 51.03 -30.28
N ALA C 187 10.51 51.31 -29.45
CA ALA C 187 11.91 51.08 -29.77
C ALA C 187 12.62 50.49 -28.55
N CYS C 188 13.72 49.79 -28.80
CA CYS C 188 14.41 49.02 -27.77
C CYS C 188 15.09 49.85 -26.66
N ALA C 189 15.32 51.14 -26.92
CA ALA C 189 15.77 52.06 -25.86
C ALA C 189 14.71 52.28 -24.78
N ASN C 190 13.44 52.31 -25.21
CA ASN C 190 12.28 52.60 -24.33
C ASN C 190 11.58 51.35 -23.78
N ALA C 191 11.97 50.17 -24.23
CA ALA C 191 11.23 48.94 -23.92
C ALA C 191 11.32 48.52 -22.46
N PHE C 192 12.50 48.62 -21.86
CA PHE C 192 12.72 48.24 -20.45
C PHE C 192 12.77 49.41 -19.46
N ASN C 193 12.19 50.56 -19.85
CA ASN C 193 12.07 51.75 -18.98
C ASN C 193 11.48 51.44 -17.60
N ASN C 194 10.45 50.61 -17.56
CA ASN C 194 9.80 50.23 -16.30
C ASN C 194 10.60 49.21 -15.43
N SER C 195 11.88 48.97 -15.73
CA SER C 195 12.74 48.06 -14.95
C SER C 195 13.97 48.78 -14.40
N ILE C 196 14.33 48.47 -13.15
CA ILE C 196 15.58 48.92 -12.57
C ILE C 196 16.72 48.10 -13.22
N ILE C 197 17.34 48.68 -14.27
CA ILE C 197 18.42 48.03 -15.03
C ILE C 197 19.79 48.64 -14.71
N PRO C 198 20.89 47.87 -14.89
CA PRO C 198 22.24 48.40 -14.63
C PRO C 198 22.63 49.69 -15.36
N GLU C 199 23.61 50.40 -14.80
CA GLU C 199 23.96 51.75 -15.24
C GLU C 199 24.83 51.68 -16.50
N ASP C 200 25.74 50.70 -16.55
CA ASP C 200 26.61 50.46 -17.72
C ASP C 200 25.99 49.65 -18.89
N THR C 201 24.66 49.53 -18.92
CA THR C 201 23.97 48.75 -19.96
C THR C 201 24.26 49.26 -21.39
N PHE C 202 24.69 48.35 -22.26
CA PHE C 202 25.05 48.67 -23.66
C PHE C 202 23.82 48.77 -24.55
N PHE C 203 23.44 50.00 -24.92
CA PHE C 203 22.44 50.26 -25.96
C PHE C 203 23.21 50.67 -27.24
N PRO C 204 23.29 49.77 -28.24
CA PRO C 204 24.11 50.03 -29.44
C PRO C 204 23.44 50.92 -30.50
N SER C 205 24.18 51.15 -31.59
CA SER C 205 23.73 51.75 -32.86
C SER C 205 24.60 52.95 -33.23
N ALA D 3 13.39 -1.39 -17.37
CA ALA D 3 11.90 -1.48 -17.30
C ALA D 3 11.22 -0.14 -17.66
N ALA D 4 10.68 -0.04 -18.88
CA ALA D 4 10.15 1.20 -19.45
C ALA D 4 8.62 1.15 -19.64
N VAL D 5 7.98 2.30 -19.42
CA VAL D 5 6.54 2.48 -19.54
C VAL D 5 6.28 3.69 -20.41
N THR D 6 5.41 3.56 -21.41
CA THR D 6 5.03 4.68 -22.28
C THR D 6 3.56 5.00 -22.07
N GLN D 7 3.20 6.26 -22.31
CA GLN D 7 1.83 6.75 -22.18
C GLN D 7 1.44 7.47 -23.45
N SER D 8 0.17 7.41 -23.80
CA SER D 8 -0.32 8.22 -24.90
C SER D 8 -1.80 8.52 -24.74
N PRO D 9 -2.25 9.69 -25.21
CA PRO D 9 -1.40 10.75 -25.74
C PRO D 9 -0.60 11.39 -24.61
N ARG D 10 0.38 12.20 -24.97
CA ARG D 10 1.21 12.89 -24.01
C ARG D 10 0.56 14.18 -23.51
N ASN D 11 -0.41 14.68 -24.28
CA ASN D 11 -1.05 15.96 -24.03
C ASN D 11 -2.36 15.98 -24.81
N LYS D 12 -3.40 16.57 -24.23
CA LYS D 12 -4.75 16.50 -24.78
C LYS D 12 -5.64 17.65 -24.28
N VAL D 13 -6.28 18.35 -25.24
CA VAL D 13 -7.37 19.27 -24.98
C VAL D 13 -8.68 18.60 -25.34
N ALA D 14 -9.62 18.60 -24.40
CA ALA D 14 -10.93 17.99 -24.53
C ALA D 14 -12.03 18.94 -24.07
N VAL D 15 -13.24 18.59 -24.45
CA VAL D 15 -14.43 19.36 -24.11
C VAL D 15 -15.24 18.60 -23.05
N THR D 16 -15.91 19.35 -22.18
CA THR D 16 -16.81 18.80 -21.17
C THR D 16 -17.85 17.90 -21.82
N GLY D 17 -18.12 16.77 -21.20
CA GLY D 17 -19.08 15.79 -21.71
C GLY D 17 -18.53 14.88 -22.80
N GLY D 18 -17.31 15.12 -23.26
CA GLY D 18 -16.66 14.25 -24.25
C GLY D 18 -16.06 13.01 -23.61
N LYS D 19 -15.65 12.09 -24.48
CA LYS D 19 -14.98 10.85 -24.07
C LYS D 19 -13.48 11.03 -24.26
N VAL D 20 -12.72 10.71 -23.22
CA VAL D 20 -11.25 10.76 -23.28
C VAL D 20 -10.71 9.44 -22.77
N THR D 21 -9.73 8.91 -23.48
CA THR D 21 -9.10 7.65 -23.16
C THR D 21 -7.62 7.90 -23.08
N LEU D 22 -7.03 7.57 -21.93
CA LEU D 22 -5.59 7.71 -21.76
C LEU D 22 -5.04 6.31 -21.76
N SER D 23 -3.97 6.07 -22.52
CA SER D 23 -3.45 4.72 -22.71
C SER D 23 -2.04 4.61 -22.13
N CYS D 24 -1.74 3.45 -21.59
CA CYS D 24 -0.45 3.18 -21.04
C CYS D 24 0.06 1.85 -21.58
N ASN D 25 1.26 1.84 -22.15
CA ASN D 25 1.88 0.63 -22.65
C ASN D 25 3.18 0.25 -21.91
N GLN D 26 3.42 -1.04 -21.78
CA GLN D 26 4.46 -1.56 -20.93
C GLN D 26 4.88 -2.94 -21.45
N THR D 27 6.14 -3.10 -21.86
CA THR D 27 6.64 -4.37 -22.48
C THR D 27 7.53 -5.20 -21.53
N ASN D 28 7.42 -4.95 -20.23
CA ASN D 28 8.28 -5.62 -19.22
C ASN D 28 7.69 -6.97 -18.74
N ASN D 29 6.49 -7.30 -19.22
CA ASN D 29 5.72 -8.44 -18.73
C ASN D 29 5.40 -8.33 -17.24
N HIS D 30 5.14 -7.10 -16.79
CA HIS D 30 4.66 -6.85 -15.43
C HIS D 30 3.17 -7.17 -15.31
N ASN D 31 2.82 -7.92 -14.27
CA ASN D 31 1.41 -8.20 -13.99
C ASN D 31 0.59 -6.97 -13.59
N ASN D 32 1.24 -5.95 -13.03
CA ASN D 32 0.58 -4.94 -12.23
C ASN D 32 0.77 -3.58 -12.84
N MET D 33 -0.33 -2.86 -12.99
CA MET D 33 -0.30 -1.49 -13.50
C MET D 33 -1.22 -0.62 -12.65
N TYR D 34 -0.92 0.67 -12.68
CA TYR D 34 -1.48 1.61 -11.73
C TYR D 34 -1.63 2.95 -12.43
N TRP D 35 -2.73 3.65 -12.17
CA TRP D 35 -2.97 4.99 -12.71
C TRP D 35 -3.11 6.00 -11.59
N TYR D 36 -2.36 7.10 -11.67
CA TYR D 36 -2.48 8.21 -10.74
C TYR D 36 -2.75 9.56 -11.45
N ARG D 37 -3.26 10.51 -10.67
CA ARG D 37 -3.25 11.93 -11.06
C ARG D 37 -2.49 12.79 -10.04
N GLN D 38 -1.83 13.83 -10.56
CA GLN D 38 -1.03 14.79 -9.79
C GLN D 38 -1.64 16.16 -9.98
N ASP D 39 -2.09 16.75 -8.88
CA ASP D 39 -2.66 18.10 -8.85
C ASP D 39 -1.89 18.90 -7.79
N THR D 40 -1.59 20.15 -8.12
CA THR D 40 -0.80 21.01 -7.23
C THR D 40 -1.37 21.02 -5.81
N GLY D 41 -0.47 21.01 -4.82
CA GLY D 41 -0.86 20.92 -3.41
C GLY D 41 -1.27 19.53 -2.93
N HIS D 42 -1.22 18.53 -3.83
CA HIS D 42 -1.44 17.14 -3.45
C HIS D 42 -0.32 16.29 -4.01
N GLY D 43 -0.03 15.19 -3.31
CA GLY D 43 0.84 14.16 -3.86
C GLY D 43 0.06 13.37 -4.91
N LEU D 44 0.75 12.53 -5.67
CA LEU D 44 0.06 11.62 -6.58
C LEU D 44 -1.02 10.84 -5.82
N ARG D 45 -2.22 10.76 -6.41
CA ARG D 45 -3.31 9.97 -5.85
C ARG D 45 -3.72 8.85 -6.80
N LEU D 46 -3.95 7.67 -6.23
CA LEU D 46 -4.26 6.46 -6.98
C LEU D 46 -5.72 6.44 -7.45
N ILE D 47 -5.95 6.25 -8.75
CA ILE D 47 -7.31 6.20 -9.30
C ILE D 47 -7.81 4.75 -9.46
N HIS D 48 -7.11 3.97 -10.28
CA HIS D 48 -7.41 2.56 -10.52
C HIS D 48 -6.09 1.81 -10.65
N TYR D 49 -6.14 0.50 -10.40
CA TYR D 49 -4.99 -0.36 -10.65
C TYR D 49 -5.47 -1.72 -11.17
N SER D 50 -4.53 -2.58 -11.51
CA SER D 50 -4.86 -3.86 -12.10
C SER D 50 -3.76 -4.85 -11.80
N TYR D 51 -4.17 -6.06 -11.43
CA TYR D 51 -3.25 -7.17 -11.16
C TYR D 51 -3.06 -8.10 -12.38
N GLY D 52 -3.73 -7.80 -13.48
CA GLY D 52 -3.50 -8.51 -14.74
C GLY D 52 -4.64 -8.32 -15.69
N ALA D 53 -4.47 -8.91 -16.87
CA ALA D 53 -5.49 -8.88 -17.90
C ALA D 53 -6.84 -9.27 -17.35
N GLY D 54 -7.85 -8.43 -17.62
CA GLY D 54 -9.25 -8.69 -17.22
C GLY D 54 -9.65 -8.15 -15.86
N SER D 55 -8.67 -7.67 -15.08
CA SER D 55 -8.86 -7.25 -13.71
C SER D 55 -8.68 -5.75 -13.64
N THR D 56 -9.63 -5.06 -13.03
CA THR D 56 -9.46 -3.67 -12.65
C THR D 56 -9.97 -3.49 -11.24
N GLU D 57 -9.33 -2.57 -10.51
CA GLU D 57 -9.64 -2.32 -9.12
C GLU D 57 -9.73 -0.85 -8.90
N LYS D 58 -10.66 -0.46 -8.05
CA LYS D 58 -10.75 0.92 -7.59
C LYS D 58 -9.59 1.26 -6.67
N GLY D 59 -8.97 2.42 -6.93
CA GLY D 59 -7.98 3.01 -6.03
C GLY D 59 -8.67 3.90 -5.01
N ASP D 60 -8.05 5.04 -4.69
CA ASP D 60 -8.57 5.96 -3.65
C ASP D 60 -9.63 6.92 -4.20
N ILE D 61 -9.45 7.38 -5.46
CA ILE D 61 -10.35 8.37 -6.08
C ILE D 61 -10.85 7.94 -7.45
N PRO D 62 -11.59 6.82 -7.50
CA PRO D 62 -12.02 6.26 -8.78
C PRO D 62 -13.18 6.98 -9.49
N ASP D 63 -13.92 7.82 -8.79
CA ASP D 63 -15.13 8.43 -9.35
C ASP D 63 -14.85 9.31 -10.59
N GLY D 64 -15.63 9.11 -11.65
CA GLY D 64 -15.46 9.79 -12.93
C GLY D 64 -14.60 9.00 -13.90
N TYR D 65 -14.06 7.86 -13.47
CA TYR D 65 -13.10 7.10 -14.27
C TYR D 65 -13.50 5.64 -14.32
N LYS D 66 -13.41 5.07 -15.51
CA LYS D 66 -13.43 3.64 -15.70
C LYS D 66 -12.01 3.26 -16.11
N ALA D 67 -11.58 2.05 -15.74
CA ALA D 67 -10.29 1.52 -16.19
C ALA D 67 -10.49 0.26 -17.01
N SER D 68 -9.49 -0.09 -17.81
CA SER D 68 -9.58 -1.23 -18.70
C SER D 68 -8.21 -1.83 -18.88
N ARG D 69 -8.09 -3.13 -18.63
CA ARG D 69 -6.86 -3.87 -18.79
C ARG D 69 -7.10 -5.01 -19.81
N PRO D 70 -7.17 -4.67 -21.12
CA PRO D 70 -7.44 -5.68 -22.15
C PRO D 70 -6.34 -6.73 -22.35
N SER D 71 -5.09 -6.40 -22.04
CA SER D 71 -3.96 -7.33 -22.15
C SER D 71 -2.92 -7.03 -21.07
N GLN D 72 -1.88 -7.86 -21.00
CA GLN D 72 -0.73 -7.64 -20.10
C GLN D 72 -0.01 -6.32 -20.38
N GLU D 73 0.05 -5.92 -21.66
CA GLU D 73 0.82 -4.72 -22.08
C GLU D 73 0.08 -3.37 -21.87
N ASN D 74 -1.25 -3.35 -21.99
CA ASN D 74 -2.01 -2.10 -22.05
C ASN D 74 -3.01 -1.94 -20.91
N PHE D 75 -2.96 -0.76 -20.30
CA PHE D 75 -3.86 -0.38 -19.23
C PHE D 75 -4.35 0.99 -19.60
N SER D 76 -5.66 1.17 -19.63
CA SER D 76 -6.25 2.41 -20.10
C SER D 76 -7.12 3.02 -19.05
N LEU D 77 -7.17 4.35 -19.08
CA LEU D 77 -8.01 5.13 -18.21
C LEU D 77 -9.06 5.83 -19.08
N ILE D 78 -10.32 5.50 -18.86
CA ILE D 78 -11.41 6.01 -19.67
C ILE D 78 -12.21 7.00 -18.84
N LEU D 79 -12.32 8.23 -19.34
CA LEU D 79 -13.20 9.26 -18.80
C LEU D 79 -14.40 9.31 -19.73
N GLU D 80 -15.53 8.79 -19.29
CA GLU D 80 -16.72 8.67 -20.16
C GLU D 80 -17.32 10.05 -20.45
N LEU D 81 -17.52 10.83 -19.40
CA LEU D 81 -18.12 12.17 -19.48
C LEU D 81 -17.23 13.21 -18.78
N ALA D 82 -16.23 13.66 -19.52
CA ALA D 82 -15.15 14.47 -18.97
C ALA D 82 -15.66 15.75 -18.33
N THR D 83 -15.07 16.16 -17.21
CA THR D 83 -15.39 17.44 -16.57
C THR D 83 -14.12 18.27 -16.36
N PRO D 84 -14.25 19.60 -16.18
CA PRO D 84 -13.08 20.44 -15.87
C PRO D 84 -12.26 20.00 -14.66
N SER D 85 -12.89 19.40 -13.65
CA SER D 85 -12.19 18.89 -12.46
C SER D 85 -11.23 17.72 -12.75
N GLN D 86 -11.34 17.11 -13.93
CA GLN D 86 -10.41 16.08 -14.40
C GLN D 86 -9.22 16.66 -15.19
N THR D 87 -9.11 17.99 -15.27
CA THR D 87 -7.90 18.65 -15.70
C THR D 87 -6.79 18.33 -14.68
N SER D 88 -5.70 17.75 -15.17
CA SER D 88 -4.61 17.24 -14.32
C SER D 88 -3.47 16.65 -15.17
N VAL D 89 -2.43 16.17 -14.52
CA VAL D 89 -1.37 15.40 -15.14
C VAL D 89 -1.54 13.96 -14.66
N TYR D 90 -1.61 13.01 -15.58
CA TYR D 90 -1.91 11.62 -15.24
C TYR D 90 -0.68 10.78 -15.45
N PHE D 91 -0.36 9.92 -14.47
CA PHE D 91 0.84 9.08 -14.51
C PHE D 91 0.42 7.64 -14.38
N CYS D 92 1.01 6.81 -15.23
CA CYS D 92 0.77 5.41 -15.24
C CYS D 92 2.04 4.78 -14.70
N ALA D 93 1.92 3.61 -14.07
CA ALA D 93 3.09 2.85 -13.67
C ALA D 93 2.86 1.37 -13.79
N SER D 94 3.95 0.60 -13.72
CA SER D 94 3.87 -0.85 -13.67
C SER D 94 4.89 -1.44 -12.73
N GLY D 95 4.73 -2.71 -12.41
CA GLY D 95 5.69 -3.41 -11.58
C GLY D 95 5.35 -4.89 -11.49
N ASP D 96 6.33 -5.68 -11.07
CA ASP D 96 6.12 -7.09 -10.81
C ASP D 96 5.74 -7.26 -9.34
N GLU D 97 6.09 -8.40 -8.74
CA GLU D 97 5.73 -8.72 -7.36
C GLU D 97 6.45 -7.90 -6.29
N GLY D 98 7.56 -7.26 -6.67
CA GLY D 98 8.28 -6.36 -5.78
C GLY D 98 7.57 -5.02 -5.60
N TYR D 99 8.11 -4.20 -4.71
CA TYR D 99 7.48 -2.93 -4.33
C TYR D 99 7.73 -1.74 -5.27
N THR D 100 8.72 -1.83 -6.15
CA THR D 100 9.03 -0.75 -7.10
C THR D 100 7.94 -0.62 -8.16
N GLN D 101 7.46 0.60 -8.34
CA GLN D 101 6.58 0.95 -9.44
C GLN D 101 7.38 1.84 -10.37
N TYR D 102 7.39 1.48 -11.66
CA TYR D 102 8.11 2.20 -12.69
C TYR D 102 7.13 3.13 -13.36
N PHE D 103 7.38 4.43 -13.30
CA PHE D 103 6.42 5.42 -13.81
C PHE D 103 6.66 5.82 -15.27
N GLY D 104 5.55 6.05 -15.97
CA GLY D 104 5.57 6.67 -17.29
C GLY D 104 5.84 8.16 -17.21
N PRO D 105 6.02 8.81 -18.37
CA PRO D 105 6.39 10.22 -18.41
C PRO D 105 5.24 11.20 -18.16
N GLY D 106 4.01 10.69 -18.02
CA GLY D 106 2.87 11.51 -17.68
C GLY D 106 2.12 12.05 -18.88
N THR D 107 0.84 12.36 -18.67
CA THR D 107 -0.06 12.87 -19.70
C THR D 107 -0.81 14.08 -19.16
N ARG D 108 -0.71 15.20 -19.87
CA ARG D 108 -1.41 16.42 -19.46
C ARG D 108 -2.77 16.52 -20.12
N LEU D 109 -3.81 16.60 -19.31
CA LEU D 109 -5.17 16.76 -19.84
C LEU D 109 -5.71 18.09 -19.37
N LEU D 110 -6.24 18.86 -20.32
CA LEU D 110 -7.03 20.05 -20.03
C LEU D 110 -8.44 19.79 -20.57
N VAL D 111 -9.44 19.88 -19.69
CA VAL D 111 -10.84 19.82 -20.10
C VAL D 111 -11.45 21.23 -20.06
N LEU D 112 -11.71 21.79 -21.24
CA LEU D 112 -12.36 23.11 -21.36
C LEU D 112 -13.87 22.97 -21.30
N GLU D 113 -14.53 24.04 -20.88
CA GLU D 113 -16.00 24.11 -20.91
C GLU D 113 -16.51 24.04 -22.35
N ASP D 114 -15.71 24.56 -23.28
CA ASP D 114 -16.12 24.73 -24.66
C ASP D 114 -14.90 25.06 -25.55
N LEU D 115 -14.95 24.69 -26.83
CA LEU D 115 -13.81 24.77 -27.75
C LEU D 115 -13.77 25.98 -28.69
N ARG D 116 -14.67 26.94 -28.54
CA ARG D 116 -14.83 28.01 -29.54
C ARG D 116 -13.57 28.87 -29.73
N ASN D 117 -12.76 29.03 -28.68
CA ASN D 117 -11.58 29.90 -28.73
C ASN D 117 -10.25 29.21 -29.09
N VAL D 118 -10.27 27.90 -29.35
CA VAL D 118 -9.05 27.15 -29.64
C VAL D 118 -8.43 27.67 -30.94
N THR D 119 -7.14 28.00 -30.90
CA THR D 119 -6.42 28.64 -32.01
C THR D 119 -4.95 28.23 -32.01
N PRO D 120 -4.40 27.83 -33.16
CA PRO D 120 -3.00 27.47 -33.19
C PRO D 120 -2.10 28.70 -33.19
N PRO D 121 -0.82 28.55 -32.83
CA PRO D 121 0.07 29.69 -32.84
C PRO D 121 0.48 30.14 -34.24
N LYS D 122 0.88 31.42 -34.34
CA LYS D 122 1.78 31.91 -35.40
C LYS D 122 3.16 31.85 -34.81
N VAL D 123 4.15 31.48 -35.61
CA VAL D 123 5.51 31.34 -35.09
C VAL D 123 6.41 32.17 -35.97
N SER D 124 7.24 32.98 -35.33
CA SER D 124 8.24 33.79 -36.01
C SER D 124 9.60 33.52 -35.39
N LEU D 125 10.66 33.57 -36.20
CA LEU D 125 12.05 33.43 -35.75
C LEU D 125 12.79 34.73 -36.07
N PHE D 126 13.39 35.32 -35.04
CA PHE D 126 14.11 36.58 -35.14
C PHE D 126 15.61 36.29 -35.11
N GLU D 127 16.32 36.82 -36.11
CA GLU D 127 17.73 36.52 -36.29
C GLU D 127 18.64 37.36 -35.38
N PRO D 128 19.85 36.83 -35.07
CA PRO D 128 20.78 37.51 -34.16
C PRO D 128 21.19 38.92 -34.58
N SER D 129 21.37 39.77 -33.57
CA SER D 129 21.80 41.16 -33.76
C SER D 129 23.26 41.20 -34.18
N LYS D 130 23.53 41.98 -35.23
CA LYS D 130 24.91 42.28 -35.67
C LYS D 130 25.79 42.79 -34.52
N ALA D 131 25.21 43.68 -33.71
CA ALA D 131 25.86 44.24 -32.53
C ALA D 131 26.23 43.18 -31.49
N GLU D 132 25.29 42.28 -31.17
CA GLU D 132 25.53 41.20 -30.19
C GLU D 132 26.72 40.34 -30.60
N ILE D 133 26.75 39.98 -31.88
CA ILE D 133 27.84 39.21 -32.47
C ILE D 133 29.19 39.91 -32.21
N SER D 134 29.30 41.18 -32.63
CA SER D 134 30.55 41.95 -32.45
C SER D 134 30.86 42.36 -30.99
N HIS D 135 29.86 42.44 -30.13
CA HIS D 135 30.09 42.71 -28.69
C HIS D 135 30.48 41.46 -27.87
N THR D 136 29.99 40.29 -28.26
CA THR D 136 30.17 39.06 -27.46
C THR D 136 30.84 37.85 -28.14
N GLN D 137 30.96 37.88 -29.47
CA GLN D 137 31.23 36.66 -30.26
C GLN D 137 30.18 35.55 -30.03
N LYS D 138 28.93 35.96 -29.81
CA LYS D 138 27.82 35.05 -29.57
C LYS D 138 26.56 35.57 -30.27
N ALA D 139 25.72 34.63 -30.73
CA ALA D 139 24.55 34.94 -31.53
C ALA D 139 23.28 34.33 -30.92
N THR D 140 22.34 35.18 -30.52
CA THR D 140 21.10 34.74 -29.87
C THR D 140 19.95 34.86 -30.85
N LEU D 141 19.33 33.73 -31.19
CA LEU D 141 18.10 33.70 -31.97
C LEU D 141 16.94 33.74 -30.97
N VAL D 142 15.84 34.36 -31.38
CA VAL D 142 14.64 34.36 -30.59
C VAL D 142 13.46 33.91 -31.43
N CYS D 143 12.64 33.05 -30.82
CA CYS D 143 11.45 32.53 -31.44
C CYS D 143 10.24 33.00 -30.67
N LEU D 144 9.20 33.39 -31.39
CA LEU D 144 8.00 33.95 -30.79
C LEU D 144 6.79 33.18 -31.29
N ALA D 145 6.02 32.63 -30.36
CA ALA D 145 4.77 31.98 -30.67
C ALA D 145 3.65 32.90 -30.18
N THR D 146 2.66 33.17 -31.02
CA THR D 146 1.64 34.16 -30.71
C THR D 146 0.26 33.74 -31.13
N GLY D 147 -0.72 34.20 -30.35
CA GLY D 147 -2.13 34.14 -30.75
C GLY D 147 -2.79 32.79 -30.55
N PHE D 148 -2.22 31.97 -29.66
CA PHE D 148 -2.70 30.60 -29.48
C PHE D 148 -3.59 30.43 -28.25
N TYR D 149 -4.51 29.47 -28.32
CA TYR D 149 -5.34 29.10 -27.18
C TYR D 149 -5.78 27.63 -27.32
N PRO D 150 -5.77 26.84 -26.22
CA PRO D 150 -5.27 27.14 -24.89
C PRO D 150 -3.73 27.12 -24.85
N ASP D 151 -3.15 27.06 -23.66
CA ASP D 151 -1.69 27.18 -23.48
C ASP D 151 -0.89 25.87 -23.55
N HIS D 152 -1.50 24.80 -24.06
CA HIS D 152 -0.82 23.51 -24.20
C HIS D 152 0.02 23.47 -25.48
N VAL D 153 1.26 23.97 -25.34
CA VAL D 153 2.25 23.97 -26.42
C VAL D 153 3.59 23.45 -25.92
N GLU D 154 4.35 22.83 -26.81
CA GLU D 154 5.72 22.40 -26.55
C GLU D 154 6.57 23.07 -27.61
N LEU D 155 7.40 24.01 -27.17
CA LEU D 155 8.40 24.65 -28.03
C LEU D 155 9.72 23.85 -27.99
N SER D 156 10.33 23.66 -29.18
CA SER D 156 11.61 22.95 -29.32
C SER D 156 12.45 23.54 -30.44
N TRP D 157 13.78 23.44 -30.30
CA TRP D 157 14.75 23.98 -31.26
C TRP D 157 15.50 22.87 -32.01
N TRP D 158 15.67 23.06 -33.32
CA TRP D 158 16.25 22.03 -34.18
C TRP D 158 17.29 22.68 -35.09
N VAL D 159 18.48 22.09 -35.11
CA VAL D 159 19.60 22.55 -35.91
C VAL D 159 20.00 21.38 -36.82
N ASN D 160 19.84 21.56 -38.13
CA ASN D 160 20.12 20.49 -39.11
C ASN D 160 19.35 19.18 -38.83
N GLY D 161 18.09 19.31 -38.43
CA GLY D 161 17.21 18.17 -38.21
C GLY D 161 17.43 17.42 -36.90
N LYS D 162 18.20 17.99 -35.99
CA LYS D 162 18.45 17.37 -34.67
C LYS D 162 18.16 18.35 -33.56
N GLU D 163 17.41 17.89 -32.56
CA GLU D 163 17.00 18.73 -31.46
C GLU D 163 18.20 19.18 -30.63
N VAL D 164 18.22 20.47 -30.28
CA VAL D 164 19.26 21.06 -29.41
C VAL D 164 18.64 21.54 -28.07
N HIS D 165 19.32 21.25 -26.98
CA HIS D 165 18.93 21.69 -25.63
C HIS D 165 19.96 22.64 -25.03
N SER D 166 21.24 22.35 -25.24
CA SER D 166 22.29 23.28 -24.85
C SER D 166 22.10 24.68 -25.47
N GLY D 167 22.23 25.71 -24.63
CA GLY D 167 22.11 27.09 -25.07
C GLY D 167 20.69 27.55 -25.31
N VAL D 168 19.70 26.81 -24.79
CA VAL D 168 18.28 27.15 -24.97
C VAL D 168 17.71 27.60 -23.62
N CYS D 169 16.78 28.52 -23.65
CA CYS D 169 15.85 28.66 -22.54
C CYS D 169 14.51 29.22 -23.01
N THR D 170 13.45 28.64 -22.50
CA THR D 170 12.09 28.95 -22.91
C THR D 170 11.36 29.50 -21.70
N ASP D 171 10.53 30.53 -21.91
CA ASP D 171 9.73 31.08 -20.81
C ASP D 171 9.02 29.93 -20.09
N PRO D 172 9.10 29.90 -18.76
CA PRO D 172 8.50 28.78 -18.02
C PRO D 172 6.99 28.67 -18.16
N GLN D 173 6.33 29.77 -18.54
CA GLN D 173 4.89 29.77 -18.80
C GLN D 173 4.53 30.81 -19.86
N PRO D 174 3.48 30.57 -20.66
CA PRO D 174 3.02 31.61 -21.58
C PRO D 174 2.49 32.85 -20.87
N LEU D 175 2.53 33.99 -21.56
CA LEU D 175 1.94 35.23 -21.09
C LEU D 175 0.65 35.52 -21.88
N LYS D 176 -0.28 36.23 -21.25
CA LYS D 176 -1.59 36.49 -21.85
C LYS D 176 -1.52 37.75 -22.70
N GLU D 177 -2.09 37.68 -23.91
CA GLU D 177 -2.02 38.78 -24.87
C GLU D 177 -2.98 39.91 -24.53
N GLN D 178 -4.14 39.54 -23.97
CA GLN D 178 -5.11 40.50 -23.42
C GLN D 178 -5.50 40.03 -22.00
N PRO D 179 -4.69 40.37 -20.96
CA PRO D 179 -4.94 39.93 -19.57
C PRO D 179 -6.32 40.28 -18.98
N ALA D 180 -6.99 41.31 -19.52
CA ALA D 180 -8.39 41.59 -19.16
C ALA D 180 -9.32 40.45 -19.56
N LEU D 181 -9.32 40.09 -20.85
CA LEU D 181 -10.28 39.14 -21.41
C LEU D 181 -10.20 37.73 -20.78
N ASN D 182 -11.35 37.05 -20.73
CA ASN D 182 -11.49 35.79 -19.98
C ASN D 182 -10.78 34.61 -20.65
N ASP D 183 -10.96 34.49 -21.96
CA ASP D 183 -10.30 33.46 -22.77
C ASP D 183 -9.19 34.10 -23.62
N SER D 184 -8.29 34.81 -22.96
CA SER D 184 -7.20 35.49 -23.63
C SER D 184 -6.27 34.51 -24.31
N ARG D 185 -5.92 34.83 -25.55
CA ARG D 185 -4.91 34.09 -26.27
C ARG D 185 -3.53 34.34 -25.62
N TYR D 186 -2.60 33.41 -25.88
CA TYR D 186 -1.28 33.40 -25.26
C TYR D 186 -0.12 33.67 -26.23
N SER D 187 0.98 34.14 -25.66
CA SER D 187 2.26 34.23 -26.37
C SER D 187 3.34 33.53 -25.56
N LEU D 188 4.37 33.06 -26.26
CA LEU D 188 5.47 32.34 -25.63
C LEU D 188 6.71 32.62 -26.43
N SER D 189 7.82 32.86 -25.72
CA SER D 189 9.10 33.16 -26.36
C SER D 189 10.21 32.24 -25.87
N SER D 190 11.24 32.09 -26.68
CA SER D 190 12.35 31.20 -26.37
C SER D 190 13.62 31.74 -27.01
N ARG D 191 14.77 31.43 -26.42
CA ARG D 191 16.05 31.85 -26.98
C ARG D 191 16.91 30.63 -27.23
N LEU D 192 17.71 30.71 -28.31
CA LEU D 192 18.79 29.77 -28.59
C LEU D 192 20.01 30.62 -28.88
N ARG D 193 21.07 30.42 -28.10
CA ARG D 193 22.30 31.18 -28.23
C ARG D 193 23.41 30.26 -28.68
N VAL D 194 24.11 30.67 -29.73
CA VAL D 194 25.21 29.90 -30.29
C VAL D 194 26.42 30.80 -30.47
N SER D 195 27.56 30.19 -30.78
CA SER D 195 28.75 30.98 -31.14
C SER D 195 28.53 31.68 -32.47
N ALA D 196 29.04 32.89 -32.58
CA ALA D 196 29.02 33.66 -33.83
C ALA D 196 29.49 32.85 -35.04
N THR D 197 30.57 32.08 -34.87
CA THR D 197 31.13 31.29 -35.99
C THR D 197 30.17 30.19 -36.47
N PHE D 198 29.36 29.65 -35.55
CA PHE D 198 28.34 28.65 -35.86
C PHE D 198 27.15 29.28 -36.59
N TRP D 199 26.74 30.48 -36.15
CA TRP D 199 25.69 31.24 -36.86
C TRP D 199 26.18 31.73 -38.24
N GLN D 200 27.47 32.02 -38.36
CA GLN D 200 28.03 32.54 -39.63
C GLN D 200 28.22 31.46 -40.70
N ASN D 201 28.06 30.20 -40.33
CA ASN D 201 28.10 29.06 -41.26
C ASN D 201 26.76 28.90 -41.99
N PRO D 202 26.70 29.24 -43.30
CA PRO D 202 25.40 29.23 -44.00
C PRO D 202 24.84 27.84 -44.34
N ARG D 203 25.52 26.78 -43.91
CA ARG D 203 25.02 25.43 -44.06
C ARG D 203 24.27 24.95 -42.83
N ASN D 204 24.36 25.68 -41.72
CA ASN D 204 23.54 25.41 -40.53
C ASN D 204 22.13 25.96 -40.69
N HIS D 205 21.15 25.09 -40.45
CA HIS D 205 19.74 25.38 -40.65
C HIS D 205 19.08 25.41 -39.29
N PHE D 206 18.51 26.55 -38.90
CA PHE D 206 17.89 26.71 -37.60
C PHE D 206 16.38 26.67 -37.71
N ARG D 207 15.75 25.88 -36.85
CA ARG D 207 14.29 25.81 -36.81
C ARG D 207 13.73 25.87 -35.38
N CYS D 208 12.78 26.79 -35.19
CA CYS D 208 11.97 26.85 -34.00
C CYS D 208 10.67 26.15 -34.33
N GLN D 209 10.30 25.18 -33.53
CA GLN D 209 9.10 24.37 -33.73
C GLN D 209 8.15 24.50 -32.53
N VAL D 210 6.86 24.68 -32.81
CA VAL D 210 5.83 24.66 -31.74
C VAL D 210 4.78 23.59 -32.04
N GLN D 211 4.73 22.58 -31.18
CA GLN D 211 3.73 21.53 -31.22
C GLN D 211 2.54 22.05 -30.42
N PHE D 212 1.42 22.26 -31.11
CA PHE D 212 0.22 22.82 -30.51
C PHE D 212 -0.78 21.68 -30.31
N TYR D 213 -1.41 21.66 -29.13
CA TYR D 213 -2.44 20.70 -28.84
C TYR D 213 -3.76 21.42 -28.88
N GLY D 214 -4.64 20.93 -29.74
CA GLY D 214 -5.98 21.49 -29.92
C GLY D 214 -6.97 20.39 -30.25
N LEU D 215 -7.75 20.59 -31.30
CA LEU D 215 -8.80 19.66 -31.65
C LEU D 215 -8.27 18.40 -32.32
N SER D 216 -9.07 17.34 -32.23
CA SER D 216 -8.82 16.10 -32.95
C SER D 216 -9.63 16.08 -34.26
N GLU D 217 -9.37 15.07 -35.09
CA GLU D 217 -10.12 14.84 -36.34
C GLU D 217 -11.63 14.75 -36.10
N ASN D 218 -12.02 14.09 -35.01
CA ASN D 218 -13.42 13.78 -34.74
C ASN D 218 -14.17 14.78 -33.83
N ASP D 219 -13.53 15.89 -33.45
CA ASP D 219 -14.21 16.98 -32.73
C ASP D 219 -15.02 17.83 -33.72
N GLU D 220 -16.20 18.28 -33.31
CA GLU D 220 -17.10 19.06 -34.16
C GLU D 220 -16.53 20.47 -34.35
N TRP D 221 -16.82 21.08 -35.50
CA TRP D 221 -16.37 22.44 -35.78
C TRP D 221 -17.39 23.18 -36.63
N THR D 222 -17.96 24.25 -36.08
CA THR D 222 -19.10 24.93 -36.68
C THR D 222 -18.78 26.32 -37.20
N GLN D 223 -17.51 26.73 -37.11
CA GLN D 223 -17.09 28.08 -37.46
C GLN D 223 -16.50 28.16 -38.86
N ASP D 224 -16.40 29.39 -39.36
CA ASP D 224 -15.89 29.65 -40.71
C ASP D 224 -14.41 29.30 -40.80
N ARG D 225 -13.60 29.79 -39.86
CA ARG D 225 -12.13 29.59 -39.87
C ARG D 225 -11.70 28.13 -39.84
N ALA D 226 -10.46 27.90 -40.23
CA ALA D 226 -9.88 26.55 -40.29
C ALA D 226 -9.95 25.89 -38.91
N LYS D 227 -10.18 24.58 -38.93
CA LYS D 227 -10.36 23.81 -37.72
C LYS D 227 -9.03 23.78 -36.95
N PRO D 228 -8.99 24.31 -35.71
CA PRO D 228 -7.74 24.48 -34.98
C PRO D 228 -7.28 23.15 -34.36
N VAL D 229 -6.81 22.28 -35.25
CA VAL D 229 -6.41 20.93 -34.91
C VAL D 229 -5.03 20.88 -34.25
N THR D 230 -4.79 19.83 -33.49
CA THR D 230 -3.44 19.49 -33.02
C THR D 230 -2.51 19.50 -34.22
N GLN D 231 -1.41 20.26 -34.13
CA GLN D 231 -0.53 20.50 -35.27
C GLN D 231 0.76 21.13 -34.83
N ILE D 232 1.73 21.08 -35.74
CA ILE D 232 3.02 21.74 -35.60
C ILE D 232 3.05 23.01 -36.47
N VAL D 233 3.58 24.09 -35.90
CA VAL D 233 3.87 25.31 -36.66
C VAL D 233 5.32 25.67 -36.36
N SER D 234 6.10 25.93 -37.39
CA SER D 234 7.53 26.24 -37.21
C SER D 234 7.98 27.46 -38.00
N ALA D 235 9.17 27.95 -37.68
CA ALA D 235 9.81 28.99 -38.46
C ALA D 235 11.28 28.69 -38.52
N GLU D 236 11.89 29.14 -39.60
CA GLU D 236 13.11 28.59 -40.13
C GLU D 236 14.03 29.72 -40.54
N ALA D 237 15.34 29.50 -40.43
CA ALA D 237 16.36 30.41 -41.00
C ALA D 237 17.71 29.70 -41.19
N TRP D 238 18.48 30.18 -42.15
CA TRP D 238 19.83 29.69 -42.37
C TRP D 238 20.85 30.72 -41.87
N GLY D 239 22.02 30.24 -41.47
CA GLY D 239 23.14 31.11 -41.16
C GLY D 239 23.63 31.90 -42.35
N ARG D 240 24.49 32.89 -42.09
CA ARG D 240 25.09 33.73 -43.15
C ARG D 240 26.44 34.31 -42.73
N ALA D 241 27.38 34.30 -43.67
CA ALA D 241 28.77 34.72 -43.42
C ALA D 241 28.90 36.24 -43.22
#